data_3OTH
#
_entry.id   3OTH
#
_cell.length_a   45.809
_cell.length_b   100.100
_cell.length_c   169.881
_cell.angle_alpha   90.000
_cell.angle_beta   90.000
_cell.angle_gamma   90.000
#
_symmetry.space_group_name_H-M   'P 21 21 21'
#
loop_
_entity.id
_entity.type
_entity.pdbx_description
1 polymer CalG1
2 non-polymer "THYMIDINE-5'-DIPHOSPHATE"
3 non-polymer 'Calicheamicin alpha3I'
4 water water
#
_entity_poly.entity_id   1
_entity_poly.type   'polypeptide(L)'
_entity_poly.pdbx_seq_one_letter_code
;GHHHHHHHHHHSSGHIEGRH(MSE)RVLFASLGTHGHTYPLLPLATAARAAGHEVTFATGEGFAGTLRKLGFEPVATG
(MSE)PVFDGFLAALRIRFDTDSPEGLTPEQLSELPQIVFGRVIPQRVFDELQPVIERLRPDLVVQEISNYGAGLAALKA
GIPTICHGVGRDTPDDLTRSIEEEVRGLAQRLGLDLPPGRIDGFGNPFIDIFPPSLQEPEFRARPRRHELRPVPFAEQGD
LPAWLSSRDTARPLVYLTLGTSSGGTVEVLRAAIDGLAGLDADVLVASGPSLDVSGLGEVPANVRLESWVPQAALLPHVD
LVVHHGGSGTTLGALGAGVPQLSFPWAGDSFANAQAVAQAGAGDHLLPDNISPDSVSGAAKRLLAEESYRAGARAVAAEI
AA(MSE)PGPDEVVRLLPGFASRSAG
;
_entity_poly.pdbx_strand_id   A,B
#
loop_
_chem_comp.id
_chem_comp.type
_chem_comp.name
_chem_comp.formula
CLJ non-polymer 'Calicheamicin alpha3I' 'C47 H59 I N2 O19 S4'
TYD non-polymer THYMIDINE-5'-DIPHOSPHATE 'C10 H16 N2 O11 P2'
#
# COMPACT_ATOMS: atom_id res chain seq x y z
N GLY A 14 -15.25 29.12 11.00
CA GLY A 14 -16.61 28.65 11.17
C GLY A 14 -17.07 27.72 10.06
N HIS A 15 -17.56 26.55 10.45
CA HIS A 15 -18.02 25.55 9.49
C HIS A 15 -19.39 25.01 9.88
N ILE A 16 -20.04 24.32 8.95
CA ILE A 16 -21.32 23.68 9.24
C ILE A 16 -21.12 22.26 9.79
N GLU A 17 -22.16 21.73 10.41
CA GLU A 17 -22.07 20.46 11.12
C GLU A 17 -21.56 19.29 10.26
N GLY A 18 -20.46 18.68 10.71
CA GLY A 18 -19.95 17.49 10.06
C GLY A 18 -19.04 17.76 8.88
N ARG A 19 -18.75 19.02 8.60
CA ARG A 19 -17.90 19.38 7.48
C ARG A 19 -16.75 20.30 7.89
N HIS A 20 -15.56 19.99 7.39
CA HIS A 20 -14.35 20.74 7.78
C HIS A 20 -14.28 20.87 9.30
N MSE A 21 -14.41 19.75 9.99
CA MSE A 21 -14.39 19.75 11.44
C MSE A 21 -12.98 20.00 11.98
O MSE A 21 -11.99 19.78 11.29
CB MSE A 21 -14.90 18.41 11.98
CG MSE A 21 -16.35 18.12 11.65
SE MSE A 21 -16.99 16.58 12.67
CE MSE A 21 -15.68 15.26 12.09
N ARG A 22 -12.91 20.47 13.22
CA ARG A 22 -11.64 20.62 13.90
C ARG A 22 -11.39 19.39 14.77
N VAL A 23 -10.61 18.45 14.25
CA VAL A 23 -10.37 17.19 14.95
C VAL A 23 -8.98 17.17 15.59
N LEU A 24 -8.95 16.98 16.90
CA LEU A 24 -7.69 16.95 17.64
C LEU A 24 -7.25 15.52 17.94
N PHE A 25 -6.22 15.08 17.22
CA PHE A 25 -5.59 13.79 17.52
C PHE A 25 -4.55 13.99 18.62
N ALA A 26 -4.50 13.05 19.55
CA ALA A 26 -3.56 13.14 20.66
C ALA A 26 -3.01 11.78 21.05
N SER A 27 -1.69 11.66 21.09
CA SER A 27 -1.05 10.39 21.42
C SER A 27 0.22 10.61 22.23
N LEU A 28 0.70 9.55 22.89
CA LEU A 28 1.97 9.60 23.58
C LEU A 28 3.09 9.86 22.57
N GLY A 29 4.21 10.40 23.04
CA GLY A 29 5.28 10.85 22.17
C GLY A 29 6.28 9.78 21.74
N THR A 30 5.79 8.62 21.32
CA THR A 30 6.65 7.59 20.76
C THR A 30 6.07 7.04 19.46
N HIS A 31 6.91 6.45 18.62
CA HIS A 31 6.46 5.91 17.34
C HIS A 31 5.34 4.87 17.49
N GLY A 32 5.49 3.99 18.48
CA GLY A 32 4.53 2.93 18.71
C GLY A 32 3.15 3.42 19.10
N HIS A 33 3.07 4.66 19.56
CA HIS A 33 1.80 5.22 20.01
C HIS A 33 1.26 6.30 19.07
N THR A 34 2.14 6.87 18.27
CA THR A 34 1.75 7.94 17.37
C THR A 34 1.39 7.43 15.97
N TYR A 35 2.18 6.49 15.48
CA TYR A 35 2.00 5.98 14.11
C TYR A 35 0.62 5.36 13.85
N PRO A 36 0.13 4.52 14.78
CA PRO A 36 -1.16 3.85 14.57
C PRO A 36 -2.30 4.82 14.26
N LEU A 37 -2.23 6.05 14.77
CA LEU A 37 -3.30 7.03 14.56
C LEU A 37 -3.15 7.83 13.27
N LEU A 38 -1.99 7.75 12.64
CA LEU A 38 -1.72 8.54 11.43
C LEU A 38 -2.65 8.24 10.25
N PRO A 39 -2.92 6.95 9.98
CA PRO A 39 -3.82 6.60 8.86
C PRO A 39 -5.20 7.23 8.97
N LEU A 40 -5.80 7.19 10.17
CA LEU A 40 -7.12 7.79 10.37
C LEU A 40 -7.07 9.31 10.28
N ALA A 41 -5.97 9.91 10.76
CA ALA A 41 -5.81 11.35 10.71
C ALA A 41 -5.67 11.82 9.27
N THR A 42 -4.92 11.04 8.48
CA THR A 42 -4.75 11.34 7.07
C THR A 42 -6.08 11.26 6.34
N ALA A 43 -6.86 10.23 6.65
CA ALA A 43 -8.17 10.05 6.05
C ALA A 43 -9.13 11.17 6.45
N ALA A 44 -8.94 11.72 7.64
CA ALA A 44 -9.78 12.82 8.11
C ALA A 44 -9.48 14.09 7.32
N ARG A 45 -8.21 14.31 7.03
CA ARG A 45 -7.80 15.47 6.25
C ARG A 45 -8.30 15.37 4.81
N ALA A 46 -8.24 14.16 4.26
CA ALA A 46 -8.72 13.95 2.89
C ALA A 46 -10.21 14.19 2.82
N ALA A 47 -10.91 13.89 3.91
CA ALA A 47 -12.34 14.13 4.01
C ALA A 47 -12.68 15.61 4.16
N GLY A 48 -11.63 16.43 4.30
CA GLY A 48 -11.81 17.87 4.36
C GLY A 48 -11.77 18.45 5.76
N HIS A 49 -11.47 17.62 6.76
CA HIS A 49 -11.39 18.09 8.13
C HIS A 49 -10.03 18.71 8.43
N GLU A 50 -9.99 19.59 9.42
CA GLU A 50 -8.75 20.22 9.86
C GLU A 50 -8.13 19.43 11.00
N VAL A 51 -7.00 18.79 10.73
CA VAL A 51 -6.36 17.93 11.71
C VAL A 51 -5.27 18.64 12.51
N THR A 52 -5.45 18.68 13.83
CA THR A 52 -4.39 19.10 14.73
C THR A 52 -3.91 17.87 15.48
N PHE A 53 -2.60 17.65 15.49
CA PHE A 53 -2.05 16.43 16.07
C PHE A 53 -1.10 16.75 17.23
N ALA A 54 -1.47 16.31 18.43
CA ALA A 54 -0.66 16.54 19.62
C ALA A 54 0.18 15.31 19.97
N THR A 55 1.49 15.50 20.04
CA THR A 55 2.41 14.44 20.40
C THR A 55 3.82 15.00 20.58
N GLY A 56 4.81 14.12 20.72
CA GLY A 56 6.19 14.54 20.90
C GLY A 56 6.61 15.55 19.84
N GLU A 57 7.35 16.57 20.27
CA GLU A 57 7.80 17.62 19.36
C GLU A 57 8.62 17.06 18.21
N GLY A 58 9.27 15.91 18.45
CA GLY A 58 10.10 15.29 17.44
C GLY A 58 9.35 14.87 16.20
N PHE A 59 8.03 14.73 16.33
CA PHE A 59 7.20 14.32 15.21
C PHE A 59 6.70 15.50 14.39
N ALA A 60 7.06 16.71 14.80
CA ALA A 60 6.58 17.92 14.15
C ALA A 60 6.75 17.89 12.63
N GLY A 61 7.95 17.56 12.17
CA GLY A 61 8.25 17.52 10.75
C GLY A 61 7.35 16.57 9.97
N THR A 62 7.21 15.35 10.48
CA THR A 62 6.36 14.35 9.84
C THR A 62 4.90 14.79 9.80
N LEU A 63 4.42 15.34 10.91
CA LEU A 63 3.04 15.80 11.00
C LEU A 63 2.74 16.91 10.00
N ARG A 64 3.64 17.89 9.91
CA ARG A 64 3.47 19.00 8.99
C ARG A 64 3.44 18.52 7.54
N LYS A 65 4.27 17.53 7.23
CA LYS A 65 4.31 16.98 5.88
C LYS A 65 3.01 16.25 5.54
N LEU A 66 2.36 15.71 6.56
CA LEU A 66 1.07 15.04 6.36
C LEU A 66 -0.07 16.06 6.23
N GLY A 67 0.27 17.34 6.45
CA GLY A 67 -0.71 18.41 6.33
C GLY A 67 -1.40 18.72 7.64
N PHE A 68 -0.88 18.14 8.72
CA PHE A 68 -1.45 18.36 10.05
C PHE A 68 -0.81 19.55 10.74
N GLU A 69 -1.56 20.19 11.63
CA GLU A 69 -1.00 21.24 12.49
C GLU A 69 -0.50 20.58 13.77
N PRO A 70 0.83 20.52 13.93
CA PRO A 70 1.46 19.80 15.04
C PRO A 70 1.40 20.53 16.37
N VAL A 71 1.21 19.78 17.45
CA VAL A 71 1.26 20.33 18.80
C VAL A 71 2.18 19.47 19.65
N ALA A 72 3.06 20.11 20.40
CA ALA A 72 4.05 19.40 21.21
C ALA A 72 3.55 19.18 22.64
N THR A 73 3.49 17.91 23.05
CA THR A 73 3.06 17.55 24.40
C THR A 73 3.94 16.45 24.98
N GLY A 74 3.78 16.21 26.27
CA GLY A 74 4.48 15.13 26.95
C GLY A 74 5.98 15.33 27.03
N MSE A 75 6.70 14.22 27.25
CA MSE A 75 8.15 14.26 27.40
C MSE A 75 8.73 12.92 26.97
O MSE A 75 8.01 11.94 26.86
CB MSE A 75 8.52 14.53 28.85
CG MSE A 75 8.11 13.42 29.80
SE MSE A 75 8.52 13.80 31.67
CE MSE A 75 7.22 15.21 31.98
N PRO A 76 10.05 12.89 26.71
CA PRO A 76 10.69 11.60 26.39
C PRO A 76 10.50 10.61 27.52
N VAL A 77 10.36 9.33 27.19
CA VAL A 77 10.15 8.28 28.18
C VAL A 77 11.24 8.32 29.25
N PHE A 78 12.49 8.41 28.82
CA PHE A 78 13.62 8.50 29.72
C PHE A 78 13.40 9.55 30.82
N ASP A 79 13.01 10.75 30.41
CA ASP A 79 12.75 11.83 31.36
C ASP A 79 11.59 11.48 32.29
N GLY A 80 10.66 10.67 31.79
CA GLY A 80 9.54 10.23 32.60
C GLY A 80 9.97 9.29 33.71
N PHE A 81 10.92 8.42 33.40
CA PHE A 81 11.44 7.48 34.39
C PHE A 81 12.35 8.17 35.41
N LEU A 82 12.97 9.28 35.02
CA LEU A 82 13.75 10.07 35.96
C LEU A 82 12.84 10.67 37.00
N ALA A 83 11.71 11.19 36.53
CA ALA A 83 10.71 11.77 37.43
C ALA A 83 10.16 10.71 38.37
N ALA A 84 9.77 9.56 37.83
CA ALA A 84 9.25 8.47 38.65
C ALA A 84 10.33 7.97 39.61
N LEU A 85 11.55 7.90 39.11
CA LEU A 85 12.70 7.48 39.91
C LEU A 85 12.80 8.35 41.15
N ARG A 86 12.66 9.66 40.97
CA ARG A 86 12.71 10.60 42.09
C ARG A 86 11.49 10.47 43.01
N ILE A 87 10.31 10.39 42.40
CA ILE A 87 9.07 10.30 43.16
C ILE A 87 9.02 9.08 44.07
N ARG A 88 9.51 7.96 43.55
CA ARG A 88 9.36 6.67 44.23
C ARG A 88 10.58 6.26 45.06
N PHE A 89 11.78 6.50 44.55
CA PHE A 89 12.99 6.03 45.22
C PHE A 89 13.95 7.12 45.66
N ASP A 90 13.52 8.38 45.59
CA ASP A 90 14.34 9.50 46.03
C ASP A 90 15.75 9.45 45.47
N THR A 91 15.86 9.19 44.18
CA THR A 91 17.17 9.09 43.54
C THR A 91 17.12 9.58 42.10
N ASP A 92 18.29 9.84 41.53
CA ASP A 92 18.42 10.29 40.15
C ASP A 92 19.01 9.18 39.28
N SER A 93 19.28 8.04 39.89
CA SER A 93 19.85 6.90 39.18
C SER A 93 19.12 5.61 39.55
N PRO A 94 19.05 4.67 38.61
CA PRO A 94 18.43 3.36 38.87
C PRO A 94 19.42 2.40 39.50
N GLU A 95 20.66 2.83 39.63
CA GLU A 95 21.72 1.97 40.15
C GLU A 95 21.40 1.45 41.55
N GLY A 96 21.62 0.15 41.75
CA GLY A 96 21.40 -0.47 43.04
C GLY A 96 19.98 -0.98 43.22
N LEU A 97 19.10 -0.59 42.30
CA LEU A 97 17.70 -0.99 42.37
C LEU A 97 17.45 -2.31 41.65
N THR A 98 16.82 -3.24 42.35
CA THR A 98 16.49 -4.54 41.76
C THR A 98 15.41 -4.39 40.70
N PRO A 99 15.43 -5.26 39.68
CA PRO A 99 14.43 -5.25 38.61
C PRO A 99 13.00 -5.25 39.15
N GLU A 100 12.82 -5.69 40.39
CA GLU A 100 11.49 -5.71 41.00
C GLU A 100 11.06 -4.32 41.47
N GLN A 101 12.03 -3.52 41.92
CA GLN A 101 11.76 -2.16 42.34
C GLN A 101 11.53 -1.26 41.14
N LEU A 102 12.34 -1.46 40.11
CA LEU A 102 12.24 -0.70 38.87
C LEU A 102 10.92 -0.98 38.16
N SER A 103 10.35 -2.16 38.40
CA SER A 103 9.09 -2.53 37.76
C SER A 103 7.90 -1.82 38.40
N GLU A 104 8.18 -0.99 39.41
CA GLU A 104 7.15 -0.22 40.09
C GLU A 104 6.98 1.15 39.45
N LEU A 105 7.90 1.49 38.55
CA LEU A 105 7.95 2.83 37.95
C LEU A 105 6.96 3.08 36.81
N PRO A 106 6.79 2.10 35.90
CA PRO A 106 5.93 2.30 34.73
C PRO A 106 4.57 2.91 35.06
N GLN A 107 3.90 2.44 36.10
CA GLN A 107 2.59 2.98 36.45
C GLN A 107 2.67 4.46 36.82
N ILE A 108 3.78 4.86 37.43
CA ILE A 108 3.98 6.25 37.80
C ILE A 108 4.26 7.09 36.56
N VAL A 109 5.05 6.52 35.64
CA VAL A 109 5.42 7.23 34.42
C VAL A 109 4.23 7.50 33.50
N PHE A 110 3.45 6.47 33.21
CA PHE A 110 2.36 6.57 32.24
C PHE A 110 1.00 6.77 32.89
N GLY A 111 0.93 6.59 34.20
CA GLY A 111 -0.31 6.76 34.92
C GLY A 111 -0.41 8.11 35.61
N ARG A 112 0.74 8.73 35.89
CA ARG A 112 0.76 9.99 36.63
C ARG A 112 1.60 11.07 35.95
N VAL A 113 2.91 10.81 35.87
CA VAL A 113 3.87 11.82 35.42
C VAL A 113 3.56 12.38 34.03
N ILE A 114 3.44 11.50 33.04
CA ILE A 114 3.15 11.94 31.67
C ILE A 114 1.72 12.46 31.50
N PRO A 115 0.73 11.74 32.05
CA PRO A 115 -0.65 12.23 31.98
C PRO A 115 -0.80 13.64 32.55
N GLN A 116 -0.16 13.89 33.69
CA GLN A 116 -0.17 15.21 34.31
C GLN A 116 0.34 16.27 33.33
N ARG A 117 1.51 16.02 32.75
CA ARG A 117 2.11 16.94 31.80
C ARG A 117 1.20 17.19 30.59
N VAL A 118 0.74 16.11 29.99
CA VAL A 118 -0.11 16.19 28.80
C VAL A 118 -1.42 16.93 29.09
N PHE A 119 -2.02 16.64 30.24
CA PHE A 119 -3.24 17.33 30.66
C PHE A 119 -3.01 18.84 30.77
N ASP A 120 -1.89 19.21 31.41
CA ASP A 120 -1.55 20.62 31.60
C ASP A 120 -1.35 21.36 30.28
N GLU A 121 -0.79 20.66 29.29
CA GLU A 121 -0.46 21.28 28.01
C GLU A 121 -1.64 21.32 27.04
N LEU A 122 -2.56 20.36 27.16
CA LEU A 122 -3.70 20.29 26.26
C LEU A 122 -4.86 21.15 26.71
N GLN A 123 -4.92 21.46 28.00
CA GLN A 123 -6.02 22.25 28.54
C GLN A 123 -6.13 23.60 27.83
N PRO A 124 -5.02 24.36 27.77
CA PRO A 124 -5.04 25.62 27.02
C PRO A 124 -5.19 25.38 25.52
N VAL A 125 -4.63 24.30 25.01
CA VAL A 125 -4.75 23.97 23.59
C VAL A 125 -6.20 23.73 23.18
N ILE A 126 -6.87 22.84 23.90
CA ILE A 126 -8.28 22.57 23.66
C ILE A 126 -9.11 23.84 23.83
N GLU A 127 -8.62 24.73 24.71
CA GLU A 127 -9.30 25.99 24.98
C GLU A 127 -9.34 26.88 23.74
N ARG A 128 -8.19 27.05 23.10
CA ARG A 128 -8.07 27.91 21.93
C ARG A 128 -8.64 27.26 20.67
N LEU A 129 -8.38 25.96 20.53
CA LEU A 129 -8.76 25.22 19.32
C LEU A 129 -10.26 24.92 19.25
N ARG A 130 -10.89 24.82 20.41
CA ARG A 130 -12.32 24.47 20.49
C ARG A 130 -12.67 23.36 19.48
N PRO A 131 -11.98 22.22 19.58
CA PRO A 131 -12.16 21.12 18.60
C PRO A 131 -13.55 20.51 18.69
N ASP A 132 -14.08 20.08 17.54
CA ASP A 132 -15.37 19.42 17.48
C ASP A 132 -15.27 17.99 18.00
N LEU A 133 -14.07 17.42 17.89
CA LEU A 133 -13.86 16.04 18.26
C LEU A 133 -12.40 15.78 18.64
N VAL A 134 -12.21 14.96 19.68
CA VAL A 134 -10.88 14.58 20.09
C VAL A 134 -10.67 13.08 19.91
N VAL A 135 -9.63 12.71 19.16
CA VAL A 135 -9.27 11.31 19.01
C VAL A 135 -8.11 10.99 19.96
N GLN A 136 -8.44 10.37 21.10
CA GLN A 136 -7.46 10.11 22.13
C GLN A 136 -6.84 8.72 22.00
N GLU A 137 -5.52 8.67 21.80
CA GLU A 137 -4.79 7.41 21.81
C GLU A 137 -5.01 6.77 23.17
N ILE A 138 -5.23 5.46 23.17
CA ILE A 138 -5.66 4.76 24.38
C ILE A 138 -4.78 5.02 25.60
N SER A 139 -3.46 4.98 25.41
CA SER A 139 -2.56 5.14 26.54
C SER A 139 -2.23 6.61 26.84
N ASN A 140 -2.81 7.52 26.08
CA ASN A 140 -2.62 8.94 26.34
C ASN A 140 -3.70 9.48 27.28
N TYR A 141 -3.74 8.97 28.50
CA TYR A 141 -4.81 9.29 29.44
C TYR A 141 -4.94 10.78 29.73
N GLY A 142 -3.80 11.48 29.77
CA GLY A 142 -3.80 12.90 30.03
C GLY A 142 -4.71 13.63 29.05
N ALA A 143 -4.66 13.21 27.79
CA ALA A 143 -5.50 13.78 26.74
C ALA A 143 -6.96 13.42 26.96
N GLY A 144 -7.20 12.23 27.48
CA GLY A 144 -8.55 11.78 27.79
C GLY A 144 -9.16 12.59 28.92
N LEU A 145 -8.33 12.93 29.90
CA LEU A 145 -8.77 13.72 31.05
C LEU A 145 -9.01 15.17 30.67
N ALA A 146 -8.13 15.72 29.84
CA ALA A 146 -8.26 17.09 29.38
C ALA A 146 -9.56 17.28 28.60
N ALA A 147 -9.83 16.35 27.69
CA ALA A 147 -11.04 16.43 26.87
C ALA A 147 -12.29 16.23 27.72
N LEU A 148 -12.19 15.34 28.71
CA LEU A 148 -13.28 15.09 29.64
C LEU A 148 -13.67 16.36 30.40
N LYS A 149 -12.67 17.03 30.97
CA LYS A 149 -12.94 18.25 31.73
C LYS A 149 -13.51 19.35 30.84
N ALA A 150 -13.00 19.43 29.61
CA ALA A 150 -13.46 20.44 28.66
C ALA A 150 -14.80 20.06 28.03
N GLY A 151 -15.26 18.84 28.34
CA GLY A 151 -16.52 18.36 27.82
C GLY A 151 -16.56 18.18 26.31
N ILE A 152 -15.41 17.89 25.70
CA ILE A 152 -15.34 17.66 24.26
C ILE A 152 -15.68 16.22 23.92
N PRO A 153 -16.57 16.01 22.93
CA PRO A 153 -16.83 14.65 22.45
C PRO A 153 -15.53 13.97 22.07
N THR A 154 -15.30 12.78 22.61
CA THR A 154 -14.04 12.08 22.41
C THR A 154 -14.23 10.62 22.03
N ILE A 155 -13.34 10.12 21.19
CA ILE A 155 -13.31 8.69 20.88
C ILE A 155 -11.94 8.13 21.23
N CYS A 156 -11.91 6.87 21.66
CA CYS A 156 -10.66 6.24 22.05
C CYS A 156 -10.09 5.44 20.89
N HIS A 157 -8.86 5.76 20.51
CA HIS A 157 -8.19 5.07 19.41
C HIS A 157 -7.17 4.09 19.95
N GLY A 158 -7.40 2.80 19.72
CA GLY A 158 -6.51 1.76 20.21
C GLY A 158 -5.24 1.63 19.39
N VAL A 159 -4.24 0.97 19.95
CA VAL A 159 -2.97 0.77 19.27
C VAL A 159 -2.65 -0.71 19.12
N GLY A 160 -3.34 -1.55 19.89
CA GLY A 160 -3.10 -2.98 19.84
C GLY A 160 -4.19 -3.80 20.53
N ARG A 161 -3.79 -4.95 21.06
CA ARG A 161 -4.72 -5.86 21.72
C ARG A 161 -5.13 -5.31 23.09
N ASP A 162 -6.31 -5.67 23.56
CA ASP A 162 -6.72 -5.28 24.90
C ASP A 162 -5.91 -6.08 25.93
N THR A 163 -5.40 -5.38 26.94
CA THR A 163 -4.56 -6.03 27.95
C THR A 163 -5.09 -5.82 29.37
N PRO A 164 -5.93 -6.76 29.85
CA PRO A 164 -6.44 -6.75 31.21
C PRO A 164 -5.45 -7.38 32.18
N ASP A 165 -4.26 -6.81 32.29
CA ASP A 165 -3.22 -7.36 33.17
C ASP A 165 -2.88 -6.43 34.33
N ASP A 166 -2.03 -6.90 35.23
CA ASP A 166 -1.60 -6.12 36.38
C ASP A 166 -1.04 -4.75 35.99
N LEU A 167 -0.11 -4.74 35.04
CA LEU A 167 0.52 -3.51 34.58
C LEU A 167 -0.53 -2.46 34.23
N THR A 168 -1.53 -2.87 33.47
CA THR A 168 -2.55 -1.95 32.98
C THR A 168 -3.43 -1.44 34.12
N ARG A 169 -3.78 -2.33 35.04
CA ARG A 169 -4.62 -1.96 36.19
C ARG A 169 -3.89 -0.95 37.08
N SER A 170 -2.59 -1.17 37.28
CA SER A 170 -1.77 -0.27 38.07
C SER A 170 -1.76 1.12 37.44
N ILE A 171 -1.51 1.17 36.14
CA ILE A 171 -1.50 2.44 35.41
C ILE A 171 -2.85 3.13 35.54
N GLU A 172 -3.93 2.36 35.48
CA GLU A 172 -5.27 2.93 35.56
C GLU A 172 -5.58 3.52 36.92
N GLU A 173 -5.07 2.90 37.97
CA GLU A 173 -5.29 3.41 39.33
C GLU A 173 -4.54 4.71 39.57
N GLU A 174 -3.37 4.83 38.98
CA GLU A 174 -2.63 6.09 39.02
C GLU A 174 -3.40 7.15 38.25
N VAL A 175 -3.99 6.76 37.12
CA VAL A 175 -4.83 7.65 36.35
C VAL A 175 -6.01 8.12 37.18
N ARG A 176 -6.61 7.20 37.93
CA ARG A 176 -7.74 7.51 38.79
C ARG A 176 -7.34 8.54 39.85
N GLY A 177 -6.18 8.32 40.47
CA GLY A 177 -5.68 9.23 41.49
C GLY A 177 -5.47 10.61 40.91
N LEU A 178 -4.88 10.67 39.72
CA LEU A 178 -4.64 11.94 39.04
C LEU A 178 -5.95 12.61 38.70
N ALA A 179 -6.95 11.83 38.29
CA ALA A 179 -8.26 12.36 38.00
C ALA A 179 -8.85 13.05 39.24
N GLN A 180 -8.87 12.34 40.35
CA GLN A 180 -9.39 12.89 41.60
C GLN A 180 -8.76 14.25 41.89
N ARG A 181 -7.43 14.29 41.90
CA ARG A 181 -6.70 15.50 42.22
C ARG A 181 -7.01 16.64 41.25
N LEU A 182 -7.44 16.30 40.04
CA LEU A 182 -7.76 17.30 39.04
C LEU A 182 -9.23 17.71 39.10
N GLY A 183 -9.96 17.19 40.09
CA GLY A 183 -11.35 17.52 40.25
C GLY A 183 -12.24 16.67 39.36
N LEU A 184 -11.65 15.67 38.73
CA LEU A 184 -12.38 14.77 37.85
C LEU A 184 -12.65 13.44 38.55
N ASP A 185 -13.92 13.16 38.80
CA ASP A 185 -14.30 11.88 39.40
C ASP A 185 -14.69 10.87 38.33
N LEU A 186 -13.81 9.91 38.11
CA LEU A 186 -14.06 8.85 37.13
C LEU A 186 -14.97 7.77 37.72
N PRO A 187 -15.73 7.09 36.85
CA PRO A 187 -16.58 5.99 37.29
C PRO A 187 -15.74 4.87 37.91
N PRO A 188 -16.37 4.05 38.78
CA PRO A 188 -15.67 2.90 39.35
C PRO A 188 -15.38 1.86 38.28
N GLY A 189 -14.34 1.06 38.48
CA GLY A 189 -14.00 0.01 37.53
C GLY A 189 -12.94 0.46 36.53
N ARG A 190 -12.63 -0.41 35.57
CA ARG A 190 -11.61 -0.12 34.58
C ARG A 190 -11.90 1.15 33.78
N ILE A 191 -10.84 1.86 33.39
CA ILE A 191 -10.96 3.09 32.63
C ILE A 191 -11.81 2.91 31.38
N ASP A 192 -11.57 1.81 30.66
CA ASP A 192 -12.38 1.46 29.49
C ASP A 192 -12.60 2.64 28.54
N GLY A 193 -11.51 3.26 28.11
CA GLY A 193 -11.57 4.35 27.15
C GLY A 193 -12.44 5.52 27.60
N PHE A 194 -12.56 5.69 28.92
CA PHE A 194 -13.38 6.76 29.49
C PHE A 194 -14.83 6.70 29.01
N GLY A 195 -15.31 5.48 28.78
CA GLY A 195 -16.69 5.27 28.38
C GLY A 195 -17.04 5.80 27.00
N ASN A 196 -16.03 6.13 26.22
CA ASN A 196 -16.25 6.67 24.88
C ASN A 196 -16.23 5.59 23.79
N PRO A 197 -16.74 5.92 22.60
CA PRO A 197 -16.62 5.00 21.46
C PRO A 197 -15.17 4.59 21.27
N PHE A 198 -14.94 3.33 20.90
CA PHE A 198 -13.58 2.82 20.78
C PHE A 198 -13.25 2.36 19.36
N ILE A 199 -12.13 2.83 18.84
CA ILE A 199 -11.64 2.39 17.55
C ILE A 199 -10.61 1.28 17.76
N ASP A 200 -10.97 0.06 17.38
CA ASP A 200 -10.14 -1.12 17.61
C ASP A 200 -9.46 -1.56 16.31
N ILE A 201 -8.13 -1.51 16.30
CA ILE A 201 -7.37 -1.85 15.09
C ILE A 201 -6.81 -3.27 15.14
N PHE A 202 -7.05 -3.97 16.25
CA PHE A 202 -6.55 -5.34 16.39
C PHE A 202 -7.48 -6.32 15.70
N PRO A 203 -6.90 -7.32 15.00
CA PRO A 203 -7.70 -8.35 14.33
C PRO A 203 -8.69 -8.99 15.30
N PRO A 204 -10.00 -8.77 15.07
CA PRO A 204 -11.09 -9.24 15.94
C PRO A 204 -10.95 -10.68 16.38
N SER A 205 -10.55 -11.56 15.47
CA SER A 205 -10.41 -12.98 15.80
C SER A 205 -9.36 -13.19 16.89
N LEU A 206 -8.40 -12.28 16.96
CA LEU A 206 -7.31 -12.38 17.91
C LEU A 206 -7.55 -11.49 19.14
N GLN A 207 -8.56 -10.65 19.05
CA GLN A 207 -8.89 -9.72 20.13
C GLN A 207 -9.51 -10.47 21.31
N GLU A 208 -9.27 -9.96 22.53
CA GLU A 208 -9.88 -10.52 23.72
C GLU A 208 -11.39 -10.58 23.54
N PRO A 209 -11.98 -11.77 23.74
CA PRO A 209 -13.41 -12.00 23.54
C PRO A 209 -14.28 -10.97 24.27
N GLU A 210 -14.03 -10.78 25.58
CA GLU A 210 -14.81 -9.82 26.35
C GLU A 210 -14.79 -8.43 25.72
N PHE A 211 -13.62 -8.00 25.30
CA PHE A 211 -13.45 -6.65 24.75
C PHE A 211 -14.12 -6.52 23.38
N ARG A 212 -14.08 -7.59 22.60
CA ARG A 212 -14.67 -7.58 21.26
C ARG A 212 -16.18 -7.38 21.32
N ALA A 213 -16.78 -7.75 22.45
CA ALA A 213 -18.22 -7.59 22.64
C ALA A 213 -18.60 -6.20 23.15
N ARG A 214 -17.60 -5.43 23.57
CA ARG A 214 -17.82 -4.09 24.12
C ARG A 214 -18.70 -3.23 23.22
N PRO A 215 -19.70 -2.56 23.80
CA PRO A 215 -20.59 -1.66 23.07
C PRO A 215 -19.85 -0.43 22.54
N ARG A 216 -20.33 0.12 21.44
CA ARG A 216 -19.73 1.30 20.84
C ARG A 216 -18.28 1.06 20.42
N ARG A 217 -17.98 -0.19 20.05
CA ARG A 217 -16.66 -0.55 19.53
C ARG A 217 -16.71 -0.58 18.01
N HIS A 218 -15.66 -0.05 17.37
CA HIS A 218 -15.61 -0.01 15.91
C HIS A 218 -14.28 -0.53 15.36
N GLU A 219 -14.36 -1.36 14.32
CA GLU A 219 -13.16 -1.89 13.69
C GLU A 219 -12.47 -0.86 12.80
N LEU A 220 -11.15 -0.92 12.77
CA LEU A 220 -10.35 -0.10 11.85
C LEU A 220 -9.13 -0.88 11.45
N ARG A 221 -8.92 -1.04 10.14
CA ARG A 221 -7.77 -1.78 9.63
C ARG A 221 -6.47 -1.22 10.20
N PRO A 222 -5.63 -2.09 10.77
CA PRO A 222 -4.33 -1.67 11.31
C PRO A 222 -3.37 -1.29 10.18
N VAL A 223 -3.63 -0.16 9.54
CA VAL A 223 -2.79 0.32 8.45
C VAL A 223 -1.43 0.79 8.96
N PRO A 224 -0.35 0.27 8.37
CA PRO A 224 1.00 0.69 8.75
C PRO A 224 1.29 2.08 8.19
N PHE A 225 2.00 2.91 8.94
CA PHE A 225 2.27 4.27 8.49
C PHE A 225 3.06 4.26 7.18
N ALA A 226 2.55 4.99 6.20
CA ALA A 226 3.18 5.05 4.89
C ALA A 226 4.26 6.13 4.83
N GLU A 227 5.48 5.76 5.20
CA GLU A 227 6.62 6.67 5.11
C GLU A 227 7.23 6.62 3.71
N GLN A 228 7.53 7.79 3.15
CA GLN A 228 8.00 7.89 1.77
C GLN A 228 9.51 7.72 1.63
N GLY A 229 10.16 7.22 2.68
CA GLY A 229 11.60 7.02 2.67
C GLY A 229 12.06 5.94 1.71
N ASP A 230 13.35 5.92 1.41
CA ASP A 230 13.92 4.93 0.51
C ASP A 230 14.34 3.67 1.26
N LEU A 231 14.09 2.51 0.65
CA LEU A 231 14.59 1.26 1.19
C LEU A 231 16.11 1.17 0.97
N PRO A 232 16.81 0.45 1.84
CA PRO A 232 18.24 0.23 1.63
C PRO A 232 18.52 -0.26 0.21
N ALA A 233 19.52 0.33 -0.45
CA ALA A 233 19.78 0.05 -1.86
C ALA A 233 20.18 -1.40 -2.14
N TRP A 234 20.77 -2.05 -1.16
CA TRP A 234 21.31 -3.40 -1.37
C TRP A 234 20.23 -4.45 -1.63
N LEU A 235 19.00 -4.15 -1.22
CA LEU A 235 17.88 -5.06 -1.47
C LEU A 235 17.71 -5.33 -2.97
N SER A 236 18.06 -4.34 -3.79
CA SER A 236 17.86 -4.43 -5.24
C SER A 236 18.87 -5.36 -5.92
N SER A 237 19.86 -5.83 -5.18
CA SER A 237 20.89 -6.67 -5.76
C SER A 237 21.23 -7.90 -4.91
N ARG A 238 20.35 -8.23 -3.96
CA ARG A 238 20.56 -9.40 -3.12
C ARG A 238 20.10 -10.66 -3.84
N ASP A 239 20.45 -11.83 -3.29
CA ASP A 239 19.97 -13.08 -3.83
C ASP A 239 18.53 -13.33 -3.39
N THR A 240 17.58 -12.90 -4.21
CA THR A 240 16.17 -12.99 -3.87
C THR A 240 15.66 -14.42 -3.88
N ALA A 241 16.56 -15.37 -4.10
CA ALA A 241 16.19 -16.79 -4.06
C ALA A 241 16.27 -17.34 -2.64
N ARG A 242 16.95 -16.62 -1.76
CA ARG A 242 17.00 -17.00 -0.35
C ARG A 242 16.21 -16.02 0.51
N PRO A 243 15.75 -16.48 1.68
CA PRO A 243 14.90 -15.67 2.55
C PRO A 243 15.51 -14.32 2.93
N LEU A 244 14.66 -13.30 3.04
CA LEU A 244 15.04 -12.02 3.61
C LEU A 244 14.47 -11.92 5.03
N VAL A 245 15.34 -11.76 6.02
CA VAL A 245 14.91 -11.69 7.42
C VAL A 245 15.06 -10.28 7.98
N TYR A 246 14.02 -9.80 8.67
CA TYR A 246 14.02 -8.46 9.23
C TYR A 246 14.10 -8.49 10.75
N LEU A 247 15.14 -7.86 11.30
CA LEU A 247 15.34 -7.84 12.74
C LEU A 247 15.24 -6.42 13.27
N THR A 248 14.40 -6.24 14.29
CA THR A 248 14.23 -4.94 14.94
C THR A 248 13.73 -5.13 16.36
N LEU A 249 14.13 -4.23 17.25
CA LEU A 249 13.65 -4.30 18.63
C LEU A 249 12.81 -3.09 18.99
N GLY A 250 12.37 -2.36 17.97
CA GLY A 250 11.46 -1.24 18.18
C GLY A 250 12.14 0.10 18.33
N THR A 251 11.45 1.02 19.00
CA THR A 251 11.93 2.38 19.16
C THR A 251 11.95 2.81 20.63
N SER A 252 11.52 1.93 21.53
CA SER A 252 11.37 2.28 22.95
C SER A 252 11.45 1.10 23.91
N SER A 253 12.66 0.78 24.36
CA SER A 253 12.87 -0.15 25.47
C SER A 253 12.37 -1.59 25.22
N GLY A 254 12.02 -1.90 23.98
CA GLY A 254 11.55 -3.24 23.64
C GLY A 254 12.54 -4.34 23.99
N GLY A 255 13.81 -4.10 23.72
CA GLY A 255 14.86 -5.08 23.99
C GLY A 255 16.19 -4.42 24.27
N THR A 256 17.23 -5.23 24.45
CA THR A 256 18.56 -4.72 24.74
C THR A 256 19.53 -5.01 23.60
N VAL A 257 20.68 -4.37 23.64
CA VAL A 257 21.70 -4.57 22.62
C VAL A 257 22.32 -5.96 22.75
N GLU A 258 22.25 -6.52 23.96
CA GLU A 258 22.70 -7.89 24.20
C GLU A 258 21.79 -8.88 23.47
N VAL A 259 20.49 -8.60 23.49
CA VAL A 259 19.51 -9.42 22.80
C VAL A 259 19.67 -9.27 21.29
N LEU A 260 19.95 -8.05 20.85
CA LEU A 260 20.15 -7.78 19.43
C LEU A 260 21.37 -8.54 18.92
N ARG A 261 22.41 -8.61 19.74
CA ARG A 261 23.64 -9.31 19.38
C ARG A 261 23.40 -10.81 19.29
N ALA A 262 22.61 -11.33 20.22
CA ALA A 262 22.27 -12.74 20.24
C ALA A 262 21.43 -13.11 19.02
N ALA A 263 20.55 -12.21 18.61
CA ALA A 263 19.69 -12.44 17.46
C ALA A 263 20.49 -12.44 16.17
N ILE A 264 21.42 -11.49 16.07
CA ILE A 264 22.27 -11.39 14.89
C ILE A 264 23.13 -12.63 14.71
N ASP A 265 23.73 -13.10 15.79
CA ASP A 265 24.55 -14.31 15.75
C ASP A 265 23.71 -15.52 15.35
N GLY A 266 22.47 -15.55 15.81
CA GLY A 266 21.57 -16.65 15.50
C GLY A 266 21.11 -16.63 14.05
N LEU A 267 20.78 -15.45 13.55
CA LEU A 267 20.28 -15.32 12.19
C LEU A 267 21.38 -15.31 11.14
N ALA A 268 22.54 -14.77 11.50
CA ALA A 268 23.63 -14.63 10.53
C ALA A 268 24.03 -15.98 9.93
N GLY A 269 23.92 -17.03 10.72
CA GLY A 269 24.28 -18.37 10.28
C GLY A 269 23.39 -18.92 9.18
N LEU A 270 22.14 -18.48 9.15
CA LEU A 270 21.19 -18.95 8.14
C LEU A 270 21.66 -18.59 6.74
N ASP A 271 21.23 -19.38 5.76
CA ASP A 271 21.47 -19.03 4.37
C ASP A 271 20.45 -18.00 3.96
N ALA A 272 20.60 -16.78 4.47
CA ALA A 272 19.62 -15.73 4.27
C ALA A 272 20.24 -14.35 4.40
N ASP A 273 19.53 -13.36 3.88
CA ASP A 273 19.90 -11.96 4.02
C ASP A 273 19.20 -11.38 5.24
N VAL A 274 19.93 -10.65 6.07
CA VAL A 274 19.38 -10.08 7.30
C VAL A 274 19.45 -8.55 7.32
N LEU A 275 18.29 -7.91 7.45
CA LEU A 275 18.22 -6.46 7.57
C LEU A 275 17.84 -6.08 9.00
N VAL A 276 18.70 -5.31 9.65
CA VAL A 276 18.49 -4.92 11.05
C VAL A 276 18.20 -3.43 11.18
N ALA A 277 17.13 -3.09 11.89
CA ALA A 277 16.80 -1.70 12.18
C ALA A 277 16.84 -1.48 13.69
N SER A 278 17.84 -0.75 14.16
CA SER A 278 18.08 -0.62 15.59
C SER A 278 17.30 0.52 16.24
N GLY A 279 16.81 1.45 15.42
CA GLY A 279 15.98 2.53 15.92
C GLY A 279 16.73 3.67 16.57
N PRO A 280 16.00 4.69 17.04
CA PRO A 280 16.54 5.93 17.62
C PRO A 280 16.98 5.79 19.07
N SER A 281 16.45 4.82 19.80
CA SER A 281 16.74 4.70 21.23
C SER A 281 17.91 3.76 21.52
N LEU A 282 18.01 2.67 20.77
CA LEU A 282 18.99 1.64 21.06
C LEU A 282 20.41 2.04 20.65
N ASP A 283 21.31 2.10 21.63
CA ASP A 283 22.71 2.43 21.38
C ASP A 283 23.46 1.17 20.95
N VAL A 284 23.90 1.16 19.69
CA VAL A 284 24.57 -0.02 19.13
C VAL A 284 26.03 0.28 18.79
N SER A 285 26.57 1.35 19.36
CA SER A 285 27.96 1.71 19.13
C SER A 285 28.89 0.59 19.62
N GLY A 286 28.37 -0.28 20.47
CA GLY A 286 29.15 -1.38 21.01
C GLY A 286 28.79 -2.72 20.39
N LEU A 287 27.84 -2.72 19.46
CA LEU A 287 27.37 -3.95 18.83
C LEU A 287 28.55 -4.75 18.29
N GLY A 288 29.35 -4.13 17.44
CA GLY A 288 30.57 -4.75 16.96
C GLY A 288 30.53 -5.22 15.52
N GLU A 289 31.29 -6.28 15.24
CA GLU A 289 31.43 -6.79 13.88
C GLU A 289 30.33 -7.79 13.52
N VAL A 290 29.95 -7.80 12.24
CA VAL A 290 28.92 -8.71 11.74
C VAL A 290 29.27 -9.23 10.34
N PRO A 291 28.84 -10.46 10.02
CA PRO A 291 29.02 -11.05 8.69
C PRO A 291 28.38 -10.21 7.59
N ALA A 292 28.79 -10.42 6.34
CA ALA A 292 28.36 -9.58 5.23
C ALA A 292 26.88 -9.72 4.87
N ASN A 293 26.26 -10.84 5.27
CA ASN A 293 24.85 -11.04 5.00
C ASN A 293 23.94 -10.30 5.99
N VAL A 294 24.56 -9.65 6.96
CA VAL A 294 23.82 -8.87 7.95
C VAL A 294 24.08 -7.38 7.71
N ARG A 295 23.01 -6.64 7.41
CA ARG A 295 23.12 -5.21 7.21
C ARG A 295 22.47 -4.44 8.35
N LEU A 296 23.20 -3.47 8.88
CA LEU A 296 22.70 -2.68 10.01
C LEU A 296 22.19 -1.32 9.56
N GLU A 297 20.92 -1.04 9.83
CA GLU A 297 20.32 0.24 9.50
C GLU A 297 19.91 0.96 10.77
N SER A 298 19.89 2.29 10.73
CA SER A 298 19.43 3.08 11.86
C SER A 298 17.91 3.22 11.82
N TRP A 299 17.37 3.30 10.61
CA TRP A 299 15.94 3.49 10.42
C TRP A 299 15.56 3.06 9.00
N VAL A 300 14.39 2.44 8.88
CA VAL A 300 13.90 2.00 7.57
C VAL A 300 12.40 2.28 7.43
N PRO A 301 11.96 2.50 6.18
CA PRO A 301 10.53 2.58 5.91
C PRO A 301 9.91 1.19 6.06
N GLN A 302 9.62 0.82 7.30
CA GLN A 302 9.18 -0.54 7.62
C GLN A 302 7.96 -0.96 6.82
N ALA A 303 7.00 -0.07 6.67
CA ALA A 303 5.79 -0.37 5.92
C ALA A 303 6.10 -0.82 4.49
N ALA A 304 7.05 -0.14 3.85
CA ALA A 304 7.41 -0.48 2.47
C ALA A 304 8.31 -1.72 2.40
N LEU A 305 8.96 -2.05 3.50
CA LEU A 305 9.90 -3.16 3.56
C LEU A 305 9.21 -4.51 3.69
N LEU A 306 8.27 -4.60 4.61
CA LEU A 306 7.66 -5.88 5.00
C LEU A 306 7.17 -6.79 3.87
N PRO A 307 6.59 -6.21 2.81
CA PRO A 307 6.14 -7.06 1.69
C PRO A 307 7.27 -7.87 1.06
N HIS A 308 8.52 -7.49 1.32
CA HIS A 308 9.68 -8.18 0.75
C HIS A 308 10.28 -9.20 1.70
N VAL A 309 9.77 -9.24 2.93
CA VAL A 309 10.38 -10.04 3.98
C VAL A 309 9.76 -11.43 4.12
N ASP A 310 10.59 -12.41 4.51
CA ASP A 310 10.12 -13.77 4.72
C ASP A 310 9.95 -14.10 6.19
N LEU A 311 10.53 -13.28 7.06
CA LEU A 311 10.44 -13.50 8.50
C LEU A 311 10.78 -12.23 9.26
N VAL A 312 9.92 -11.87 10.21
CA VAL A 312 10.14 -10.71 11.05
C VAL A 312 10.47 -11.13 12.47
N VAL A 313 11.63 -10.73 12.94
CA VAL A 313 12.08 -11.04 14.29
C VAL A 313 12.20 -9.76 15.10
N HIS A 314 11.44 -9.67 16.20
CA HIS A 314 11.38 -8.41 16.93
C HIS A 314 11.10 -8.55 18.43
N HIS A 315 10.75 -7.42 19.04
CA HIS A 315 10.56 -7.35 20.50
C HIS A 315 9.12 -7.66 20.90
N GLY A 316 8.21 -7.58 19.94
CA GLY A 316 6.81 -7.88 20.21
C GLY A 316 5.93 -6.65 20.34
N GLY A 317 6.39 -5.53 19.78
CA GLY A 317 5.60 -4.32 19.77
C GLY A 317 4.36 -4.50 18.92
N SER A 318 3.30 -3.76 19.25
CA SER A 318 2.04 -3.88 18.53
C SER A 318 2.16 -3.48 17.06
N GLY A 319 2.91 -2.42 16.80
CA GLY A 319 3.06 -1.91 15.45
C GLY A 319 3.69 -2.91 14.51
N THR A 320 4.77 -3.55 14.97
CA THR A 320 5.49 -4.52 14.18
C THR A 320 4.75 -5.86 14.15
N THR A 321 4.03 -6.14 15.23
CA THR A 321 3.22 -7.35 15.30
C THR A 321 2.12 -7.30 14.25
N LEU A 322 1.34 -6.22 14.28
CA LEU A 322 0.25 -6.03 13.32
C LEU A 322 0.79 -5.83 11.91
N GLY A 323 2.00 -5.30 11.81
CA GLY A 323 2.65 -5.09 10.52
C GLY A 323 2.95 -6.42 9.86
N ALA A 324 3.63 -7.30 10.58
CA ALA A 324 3.94 -8.64 10.07
C ALA A 324 2.66 -9.39 9.72
N LEU A 325 1.68 -9.33 10.61
CA LEU A 325 0.38 -9.97 10.37
C LEU A 325 -0.27 -9.44 9.10
N GLY A 326 -0.24 -8.13 8.92
CA GLY A 326 -0.84 -7.50 7.77
C GLY A 326 -0.18 -7.90 6.46
N ALA A 327 1.12 -8.17 6.50
CA ALA A 327 1.86 -8.54 5.30
C ALA A 327 1.86 -10.04 5.07
N GLY A 328 1.28 -10.78 6.02
CA GLY A 328 1.22 -12.23 5.92
C GLY A 328 2.58 -12.88 6.09
N VAL A 329 3.40 -12.31 6.96
CA VAL A 329 4.75 -12.81 7.19
C VAL A 329 4.89 -13.41 8.59
N PRO A 330 5.50 -14.62 8.68
CA PRO A 330 5.74 -15.26 9.97
C PRO A 330 6.60 -14.37 10.87
N GLN A 331 6.36 -14.39 12.18
CA GLN A 331 7.12 -13.55 13.08
C GLN A 331 7.62 -14.29 14.33
N LEU A 332 8.89 -14.06 14.66
CA LEU A 332 9.47 -14.54 15.91
C LEU A 332 9.68 -13.34 16.85
N SER A 333 9.19 -13.44 18.08
CA SER A 333 9.23 -12.29 18.98
C SER A 333 9.97 -12.59 20.28
N PHE A 334 10.56 -11.55 20.86
CA PHE A 334 11.23 -11.65 22.16
C PHE A 334 10.44 -10.83 23.18
N PRO A 335 9.30 -11.37 23.63
CA PRO A 335 8.43 -10.61 24.55
C PRO A 335 9.12 -10.27 25.85
N TRP A 336 8.94 -9.05 26.34
CA TRP A 336 9.54 -8.61 27.59
C TRP A 336 8.88 -7.35 28.14
N ALA A 337 8.55 -6.42 27.24
CA ALA A 337 8.03 -5.12 27.65
C ALA A 337 6.56 -4.93 27.29
N GLY A 338 5.79 -4.37 28.22
CA GLY A 338 4.41 -4.00 27.98
C GLY A 338 3.53 -5.10 27.40
N ASP A 339 2.84 -4.78 26.31
CA ASP A 339 1.90 -5.70 25.70
C ASP A 339 2.58 -6.68 24.74
N SER A 340 3.88 -6.88 24.90
CA SER A 340 4.61 -7.80 24.04
C SER A 340 4.18 -9.23 24.29
N PHE A 341 3.86 -9.55 25.54
CA PHE A 341 3.38 -10.87 25.88
C PHE A 341 1.97 -11.11 25.34
N ALA A 342 1.13 -10.07 25.40
CA ALA A 342 -0.22 -10.17 24.86
C ALA A 342 -0.17 -10.47 23.36
N ASN A 343 0.71 -9.75 22.66
CA ASN A 343 0.89 -9.95 21.23
C ASN A 343 1.43 -11.32 20.90
N ALA A 344 2.32 -11.83 21.75
CA ALA A 344 2.87 -13.16 21.56
C ALA A 344 1.78 -14.23 21.67
N GLN A 345 0.82 -14.02 22.57
CA GLN A 345 -0.30 -14.95 22.71
C GLN A 345 -1.17 -14.91 21.46
N ALA A 346 -1.45 -13.70 20.98
CA ALA A 346 -2.25 -13.52 19.77
C ALA A 346 -1.61 -14.20 18.56
N VAL A 347 -0.29 -14.06 18.44
CA VAL A 347 0.43 -14.69 17.33
C VAL A 347 0.39 -16.21 17.42
N ALA A 348 0.54 -16.72 18.64
CA ALA A 348 0.49 -18.16 18.88
C ALA A 348 -0.90 -18.71 18.60
N GLN A 349 -1.91 -17.97 19.05
CA GLN A 349 -3.30 -18.34 18.83
C GLN A 349 -3.60 -18.51 17.34
N ALA A 350 -3.02 -17.63 16.53
CA ALA A 350 -3.25 -17.67 15.08
C ALA A 350 -2.22 -18.56 14.38
N GLY A 351 -1.30 -19.11 15.16
CA GLY A 351 -0.21 -19.89 14.59
C GLY A 351 0.56 -19.11 13.54
N ALA A 352 0.61 -17.79 13.71
CA ALA A 352 1.26 -16.92 12.74
C ALA A 352 2.73 -16.70 13.05
N GLY A 353 3.24 -17.41 14.05
CA GLY A 353 4.63 -17.29 14.43
C GLY A 353 4.92 -17.93 15.78
N ASP A 354 5.99 -17.48 16.42
CA ASP A 354 6.39 -18.04 17.71
C ASP A 354 7.20 -17.02 18.51
N HIS A 355 7.65 -17.43 19.70
CA HIS A 355 8.38 -16.52 20.58
C HIS A 355 9.39 -17.26 21.44
N LEU A 356 10.33 -16.49 22.00
CA LEU A 356 11.29 -17.00 22.95
C LEU A 356 11.27 -16.13 24.20
N LEU A 357 11.20 -16.75 25.37
CA LEU A 357 11.15 -16.03 26.64
C LEU A 357 12.51 -15.40 26.97
N PRO A 358 12.51 -14.35 27.81
CA PRO A 358 13.69 -13.56 28.14
C PRO A 358 14.89 -14.37 28.65
N ASP A 359 14.64 -15.58 29.15
CA ASP A 359 15.73 -16.42 29.64
C ASP A 359 16.14 -17.47 28.61
N ASN A 360 15.55 -17.37 27.41
CA ASN A 360 15.84 -18.32 26.35
C ASN A 360 16.25 -17.63 25.06
N ILE A 361 17.07 -16.59 25.19
CA ILE A 361 17.57 -15.84 24.05
C ILE A 361 19.05 -16.11 23.84
N SER A 362 19.38 -16.78 22.73
CA SER A 362 20.75 -17.10 22.42
C SER A 362 20.88 -17.43 20.93
N PRO A 363 22.10 -17.39 20.40
CA PRO A 363 22.34 -17.73 19.00
C PRO A 363 21.67 -19.06 18.62
N ASP A 364 21.77 -20.05 19.49
CA ASP A 364 21.18 -21.37 19.24
C ASP A 364 19.67 -21.33 19.18
N SER A 365 19.05 -20.81 20.24
CA SER A 365 17.59 -20.77 20.32
C SER A 365 16.97 -19.92 19.21
N VAL A 366 17.62 -18.80 18.88
CA VAL A 366 17.13 -17.94 17.81
C VAL A 366 17.28 -18.62 16.46
N SER A 367 18.45 -19.22 16.23
CA SER A 367 18.72 -19.95 15.00
C SER A 367 17.69 -21.05 14.77
N GLY A 368 17.50 -21.88 15.78
CA GLY A 368 16.57 -23.00 15.70
C GLY A 368 15.15 -22.55 15.41
N ALA A 369 14.69 -21.51 16.11
CA ALA A 369 13.34 -21.02 15.92
C ALA A 369 13.15 -20.38 14.56
N ALA A 370 14.13 -19.61 14.11
CA ALA A 370 14.06 -18.95 12.81
C ALA A 370 13.96 -19.98 11.67
N LYS A 371 14.74 -21.05 11.76
CA LYS A 371 14.70 -22.11 10.75
C LYS A 371 13.32 -22.73 10.69
N ARG A 372 12.73 -22.98 11.85
CA ARG A 372 11.42 -23.63 11.94
C ARG A 372 10.33 -22.76 11.31
N LEU A 373 10.36 -21.46 11.60
CA LEU A 373 9.35 -20.54 11.08
C LEU A 373 9.47 -20.35 9.57
N LEU A 374 10.67 -20.60 9.04
CA LEU A 374 10.92 -20.46 7.61
C LEU A 374 10.62 -21.75 6.86
N ALA A 375 10.94 -22.89 7.48
CA ALA A 375 10.79 -24.19 6.81
C ALA A 375 9.36 -24.71 6.85
N GLU A 376 8.69 -24.58 8.00
CA GLU A 376 7.34 -25.09 8.15
C GLU A 376 6.29 -24.10 7.66
N GLU A 377 5.53 -24.53 6.66
CA GLU A 377 4.57 -23.66 5.99
C GLU A 377 3.44 -23.18 6.90
N SER A 378 3.15 -23.94 7.95
CA SER A 378 2.03 -23.62 8.84
C SER A 378 2.09 -22.21 9.43
N TYR A 379 3.30 -21.74 9.71
CA TYR A 379 3.46 -20.42 10.32
C TYR A 379 3.08 -19.31 9.34
N ARG A 380 3.59 -19.40 8.11
CA ARG A 380 3.23 -18.45 7.08
C ARG A 380 1.74 -18.53 6.76
N ALA A 381 1.23 -19.76 6.68
CA ALA A 381 -0.20 -20.00 6.48
C ALA A 381 -1.03 -19.28 7.53
N GLY A 382 -0.61 -19.37 8.78
CA GLY A 382 -1.28 -18.67 9.86
C GLY A 382 -1.22 -17.17 9.69
N ALA A 383 -0.08 -16.67 9.23
CA ALA A 383 0.07 -15.23 9.02
C ALA A 383 -0.81 -14.74 7.88
N ARG A 384 -0.88 -15.52 6.80
CA ARG A 384 -1.71 -15.16 5.66
C ARG A 384 -3.20 -15.14 5.99
N ALA A 385 -3.62 -15.98 6.93
CA ALA A 385 -5.01 -16.00 7.36
C ALA A 385 -5.41 -14.66 7.95
N VAL A 386 -4.59 -14.16 8.88
CA VAL A 386 -4.86 -12.87 9.53
C VAL A 386 -4.69 -11.71 8.55
N ALA A 387 -3.74 -11.84 7.64
CA ALA A 387 -3.56 -10.84 6.58
C ALA A 387 -4.86 -10.66 5.80
N ALA A 388 -5.56 -11.76 5.54
CA ALA A 388 -6.85 -11.70 4.87
C ALA A 388 -7.88 -10.99 5.73
N GLU A 389 -7.94 -11.38 7.00
CA GLU A 389 -8.86 -10.77 7.97
C GLU A 389 -8.62 -9.27 8.08
N ILE A 390 -7.34 -8.88 8.15
CA ILE A 390 -6.96 -7.48 8.23
C ILE A 390 -7.43 -6.72 6.99
N ALA A 391 -7.18 -7.30 5.82
CA ALA A 391 -7.56 -6.67 4.56
C ALA A 391 -9.08 -6.50 4.44
N ALA A 392 -9.82 -7.33 5.18
CA ALA A 392 -11.29 -7.29 5.13
C ALA A 392 -11.87 -6.31 6.16
N MSE A 393 -11.02 -5.74 7.00
CA MSE A 393 -11.46 -4.77 7.99
C MSE A 393 -11.71 -3.41 7.33
O MSE A 393 -11.11 -3.12 6.29
CB MSE A 393 -10.44 -4.63 9.12
CG MSE A 393 -10.23 -5.91 9.93
SE MSE A 393 -8.81 -5.76 11.26
CE MSE A 393 -9.60 -4.40 12.42
N PRO A 394 -12.60 -2.60 7.90
CA PRO A 394 -12.91 -1.28 7.35
C PRO A 394 -11.68 -0.39 7.29
N GLY A 395 -11.40 0.18 6.12
CA GLY A 395 -10.27 1.08 5.94
C GLY A 395 -10.52 2.45 6.56
N PRO A 396 -9.44 3.21 6.77
CA PRO A 396 -9.52 4.56 7.37
C PRO A 396 -10.56 5.45 6.69
N ASP A 397 -10.64 5.39 5.36
CA ASP A 397 -11.57 6.23 4.62
C ASP A 397 -13.04 5.87 4.91
N GLU A 398 -13.28 4.60 5.22
CA GLU A 398 -14.62 4.16 5.56
C GLU A 398 -14.98 4.55 6.99
N VAL A 399 -14.09 4.26 7.92
CA VAL A 399 -14.31 4.57 9.33
C VAL A 399 -14.45 6.07 9.56
N VAL A 400 -13.73 6.87 8.78
CA VAL A 400 -13.75 8.33 8.95
C VAL A 400 -15.15 8.90 8.74
N ARG A 401 -15.99 8.19 8.01
CA ARG A 401 -17.37 8.62 7.81
C ARG A 401 -18.17 8.59 9.10
N LEU A 402 -17.59 7.97 10.13
CA LEU A 402 -18.25 7.90 11.44
C LEU A 402 -17.95 9.10 12.33
N LEU A 403 -16.91 9.86 11.98
CA LEU A 403 -16.46 10.95 12.83
C LEU A 403 -17.54 12.00 13.11
N PRO A 404 -18.26 12.44 12.08
CA PRO A 404 -19.32 13.43 12.30
C PRO A 404 -20.35 12.95 13.33
N GLY A 405 -20.70 11.67 13.27
CA GLY A 405 -21.63 11.09 14.22
C GLY A 405 -21.07 11.10 15.63
N PHE A 406 -19.76 10.91 15.75
CA PHE A 406 -19.10 10.94 17.06
C PHE A 406 -19.11 12.35 17.65
N ALA A 407 -18.86 13.34 16.80
CA ALA A 407 -18.83 14.73 17.24
C ALA A 407 -20.23 15.20 17.63
N SER A 408 -21.23 14.78 16.86
CA SER A 408 -22.62 15.18 17.11
C SER A 408 -23.15 14.55 18.39
N MSE B 21 -0.71 24.82 -10.00
CA MSE B 21 -0.92 24.78 -11.45
C MSE B 21 -2.24 24.13 -11.83
O MSE B 21 -2.83 23.39 -11.04
CB MSE B 21 0.22 24.02 -12.13
CG MSE B 21 1.60 24.62 -11.92
SE MSE B 21 2.95 23.68 -12.96
CE MSE B 21 2.69 21.88 -12.25
N ARG B 22 -2.69 24.41 -13.04
CA ARG B 22 -3.82 23.70 -13.62
C ARG B 22 -3.29 22.63 -14.57
N VAL B 23 -3.07 21.43 -14.04
CA VAL B 23 -2.49 20.34 -14.83
C VAL B 23 -3.59 19.45 -15.43
N LEU B 24 -3.53 19.27 -16.74
CA LEU B 24 -4.50 18.44 -17.44
C LEU B 24 -3.95 17.04 -17.72
N PHE B 25 -4.64 16.03 -17.20
CA PHE B 25 -4.30 14.64 -17.47
C PHE B 25 -5.25 14.10 -18.52
N ALA B 26 -4.70 13.43 -19.54
CA ALA B 26 -5.51 12.90 -20.62
C ALA B 26 -5.07 11.48 -21.00
N SER B 27 -6.01 10.56 -21.02
CA SER B 27 -5.72 9.17 -21.35
C SER B 27 -6.86 8.55 -22.15
N LEU B 28 -6.56 7.45 -22.84
CA LEU B 28 -7.59 6.69 -23.52
C LEU B 28 -8.57 6.13 -22.50
N GLY B 29 -9.82 5.95 -22.91
CA GLY B 29 -10.90 5.60 -22.00
C GLY B 29 -11.01 4.14 -21.60
N THR B 30 -9.90 3.53 -21.19
CA THR B 30 -9.92 2.17 -20.66
C THR B 30 -9.12 2.10 -19.37
N HIS B 31 -9.37 1.08 -18.56
CA HIS B 31 -8.70 0.93 -17.28
C HIS B 31 -7.18 0.82 -17.44
N GLY B 32 -6.76 0.11 -18.48
CA GLY B 32 -5.35 -0.13 -18.73
C GLY B 32 -4.60 1.13 -19.13
N HIS B 33 -5.33 2.12 -19.64
CA HIS B 33 -4.70 3.36 -20.08
C HIS B 33 -4.89 4.50 -19.08
N THR B 34 -5.91 4.37 -18.23
CA THR B 34 -6.25 5.43 -17.29
C THR B 34 -5.60 5.23 -15.92
N TYR B 35 -5.75 4.03 -15.36
CA TYR B 35 -5.23 3.74 -14.02
C TYR B 35 -3.76 4.11 -13.78
N PRO B 36 -2.88 3.77 -14.73
CA PRO B 36 -1.45 4.06 -14.57
C PRO B 36 -1.13 5.53 -14.28
N LEU B 37 -1.99 6.45 -14.72
CA LEU B 37 -1.75 7.88 -14.52
C LEU B 37 -2.32 8.39 -13.20
N LEU B 38 -3.25 7.66 -12.62
CA LEU B 38 -3.93 8.09 -11.40
C LEU B 38 -2.98 8.39 -10.22
N PRO B 39 -1.93 7.58 -10.05
CA PRO B 39 -0.98 7.87 -8.97
C PRO B 39 -0.35 9.26 -9.08
N LEU B 40 0.32 9.51 -10.19
CA LEU B 40 0.96 10.81 -10.42
C LEU B 40 -0.03 11.95 -10.28
N ALA B 41 -1.24 11.75 -10.79
CA ALA B 41 -2.29 12.77 -10.69
C ALA B 41 -2.60 13.05 -9.23
N THR B 42 -2.77 12.00 -8.44
CA THR B 42 -3.01 12.13 -7.01
C THR B 42 -1.84 12.85 -6.32
N ALA B 43 -0.62 12.49 -6.71
CA ALA B 43 0.57 13.13 -6.16
C ALA B 43 0.63 14.61 -6.54
N ALA B 44 0.09 14.93 -7.71
CA ALA B 44 0.06 16.30 -8.20
C ALA B 44 -0.96 17.12 -7.42
N ARG B 45 -2.16 16.58 -7.27
CA ARG B 45 -3.22 17.26 -6.53
C ARG B 45 -2.78 17.50 -5.09
N ALA B 46 -2.20 16.47 -4.47
CA ALA B 46 -1.73 16.59 -3.10
C ALA B 46 -0.57 17.59 -3.02
N ALA B 47 0.11 17.79 -4.14
CA ALA B 47 1.20 18.76 -4.22
C ALA B 47 0.65 20.19 -4.28
N GLY B 48 -0.67 20.31 -4.42
CA GLY B 48 -1.32 21.60 -4.45
C GLY B 48 -1.82 22.05 -5.81
N HIS B 49 -1.73 21.17 -6.80
CA HIS B 49 -2.14 21.52 -8.16
C HIS B 49 -3.60 21.17 -8.44
N GLU B 50 -4.20 21.88 -9.40
CA GLU B 50 -5.55 21.59 -9.84
C GLU B 50 -5.51 20.55 -10.96
N VAL B 51 -5.98 19.35 -10.66
CA VAL B 51 -5.95 18.26 -11.63
C VAL B 51 -7.26 18.11 -12.39
N THR B 52 -7.17 18.20 -13.72
CA THR B 52 -8.31 17.89 -14.59
C THR B 52 -7.97 16.64 -15.38
N PHE B 53 -8.86 15.64 -15.32
CA PHE B 53 -8.60 14.35 -15.94
C PHE B 53 -9.58 14.03 -17.06
N ALA B 54 -9.09 14.03 -18.30
CA ALA B 54 -9.90 13.71 -19.46
C ALA B 54 -9.76 12.24 -19.86
N THR B 55 -10.87 11.51 -19.80
CA THR B 55 -10.88 10.10 -20.17
C THR B 55 -12.32 9.64 -20.41
N GLY B 56 -12.52 8.33 -20.50
CA GLY B 56 -13.85 7.79 -20.68
C GLY B 56 -14.82 8.34 -19.65
N GLU B 57 -16.06 8.60 -20.07
CA GLU B 57 -17.07 9.17 -19.18
C GLU B 57 -17.41 8.21 -18.05
N GLY B 58 -17.13 6.92 -18.26
CA GLY B 58 -17.41 5.91 -17.25
C GLY B 58 -16.53 6.06 -16.01
N PHE B 59 -15.43 6.79 -16.16
CA PHE B 59 -14.50 6.99 -15.05
C PHE B 59 -14.86 8.22 -14.23
N ALA B 60 -15.96 8.87 -14.59
CA ALA B 60 -16.39 10.10 -13.93
C ALA B 60 -16.40 9.96 -12.41
N GLY B 61 -16.99 8.87 -11.92
CA GLY B 61 -17.08 8.63 -10.49
C GLY B 61 -15.72 8.59 -9.82
N THR B 62 -14.86 7.68 -10.28
CA THR B 62 -13.53 7.53 -9.69
C THR B 62 -12.77 8.84 -9.69
N LEU B 63 -12.84 9.57 -10.80
CA LEU B 63 -12.12 10.83 -10.94
C LEU B 63 -12.51 11.84 -9.87
N ARG B 64 -13.81 12.08 -9.72
CA ARG B 64 -14.28 13.04 -8.73
C ARG B 64 -13.95 12.58 -7.31
N LYS B 65 -14.02 11.27 -7.09
CA LYS B 65 -13.75 10.69 -5.79
C LYS B 65 -12.29 10.88 -5.40
N LEU B 66 -11.43 11.09 -6.40
CA LEU B 66 -10.01 11.36 -6.16
C LEU B 66 -9.75 12.86 -6.04
N GLY B 67 -10.80 13.66 -6.21
CA GLY B 67 -10.68 15.10 -6.12
C GLY B 67 -10.25 15.74 -7.43
N PHE B 68 -10.45 15.05 -8.54
CA PHE B 68 -10.09 15.57 -9.85
C PHE B 68 -11.31 16.15 -10.57
N GLU B 69 -11.05 16.99 -11.57
CA GLU B 69 -12.12 17.51 -12.42
C GLU B 69 -12.24 16.64 -13.66
N PRO B 70 -13.29 15.81 -13.72
CA PRO B 70 -13.48 14.84 -14.81
C PRO B 70 -13.91 15.48 -16.12
N VAL B 71 -13.37 14.99 -17.22
CA VAL B 71 -13.76 15.43 -18.55
C VAL B 71 -14.01 14.22 -19.44
N ALA B 72 -15.21 14.14 -20.01
CA ALA B 72 -15.57 13.03 -20.87
C ALA B 72 -15.00 13.18 -22.28
N THR B 73 -14.09 12.28 -22.64
CA THR B 73 -13.51 12.27 -23.97
C THR B 73 -13.41 10.83 -24.47
N GLY B 74 -13.03 10.69 -25.74
CA GLY B 74 -12.79 9.37 -26.31
C GLY B 74 -14.03 8.67 -26.80
N MSE B 75 -13.99 7.34 -26.78
CA MSE B 75 -15.01 6.53 -27.42
C MSE B 75 -14.76 5.07 -27.06
O MSE B 75 -13.61 4.62 -27.03
CB MSE B 75 -14.90 6.72 -28.94
CG MSE B 75 -15.81 5.86 -29.80
SE MSE B 75 -15.20 5.90 -31.65
CE MSE B 75 -14.68 7.78 -31.77
N PRO B 76 -15.84 4.32 -26.77
CA PRO B 76 -15.65 2.89 -26.48
C PRO B 76 -14.83 2.23 -27.60
N VAL B 77 -13.88 1.39 -27.23
CA VAL B 77 -13.01 0.74 -28.21
C VAL B 77 -13.81 0.08 -29.32
N PHE B 78 -14.92 -0.56 -28.96
CA PHE B 78 -15.76 -1.26 -29.93
C PHE B 78 -16.23 -0.33 -31.03
N ASP B 79 -16.71 0.85 -30.66
CA ASP B 79 -17.19 1.82 -31.64
C ASP B 79 -16.05 2.34 -32.51
N GLY B 80 -14.85 2.38 -31.94
CA GLY B 80 -13.68 2.78 -32.69
C GLY B 80 -13.43 1.83 -33.84
N PHE B 81 -13.70 0.55 -33.59
CA PHE B 81 -13.53 -0.48 -34.61
C PHE B 81 -14.66 -0.43 -35.64
N LEU B 82 -15.85 -0.04 -35.21
CA LEU B 82 -16.98 0.14 -36.11
C LEU B 82 -16.66 1.22 -37.15
N ALA B 83 -16.05 2.31 -36.68
CA ALA B 83 -15.65 3.39 -37.57
C ALA B 83 -14.52 2.97 -38.49
N ALA B 84 -13.54 2.27 -37.94
CA ALA B 84 -12.40 1.80 -38.72
C ALA B 84 -12.88 0.81 -39.78
N LEU B 85 -13.88 0.01 -39.40
CA LEU B 85 -14.47 -0.97 -40.30
C LEU B 85 -15.05 -0.26 -41.52
N ARG B 86 -15.71 0.86 -41.28
CA ARG B 86 -16.31 1.65 -42.36
C ARG B 86 -15.26 2.33 -43.23
N ILE B 87 -14.26 2.92 -42.58
CA ILE B 87 -13.20 3.62 -43.29
C ILE B 87 -12.40 2.70 -44.19
N ARG B 88 -12.11 1.50 -43.69
CA ARG B 88 -11.19 0.59 -44.36
C ARG B 88 -11.86 -0.31 -45.40
N PHE B 89 -13.01 -0.89 -45.04
CA PHE B 89 -13.66 -1.87 -45.90
C PHE B 89 -15.09 -1.47 -46.26
N ASP B 90 -15.46 -0.24 -45.93
CA ASP B 90 -16.80 0.27 -46.21
C ASP B 90 -17.88 -0.72 -45.78
N THR B 91 -17.83 -1.14 -44.52
CA THR B 91 -18.80 -2.07 -43.96
C THR B 91 -18.96 -1.80 -42.47
N ASP B 92 -20.08 -2.26 -41.90
CA ASP B 92 -20.30 -2.14 -40.47
C ASP B 92 -20.24 -3.50 -39.79
N SER B 93 -19.58 -4.45 -40.44
CA SER B 93 -19.47 -5.80 -39.91
C SER B 93 -18.12 -6.43 -40.27
N PRO B 94 -17.56 -7.21 -39.34
CA PRO B 94 -16.31 -7.95 -39.56
C PRO B 94 -16.55 -9.19 -40.42
N GLU B 95 -17.83 -9.53 -40.63
CA GLU B 95 -18.18 -10.72 -41.40
C GLU B 95 -17.64 -10.66 -42.81
N GLY B 96 -17.14 -11.79 -43.30
CA GLY B 96 -16.59 -11.88 -44.64
C GLY B 96 -15.16 -11.39 -44.72
N LEU B 97 -14.66 -10.85 -43.61
CA LEU B 97 -13.29 -10.35 -43.54
C LEU B 97 -12.38 -11.35 -42.84
N THR B 98 -11.15 -11.46 -43.31
CA THR B 98 -10.17 -12.37 -42.71
C THR B 98 -9.49 -11.71 -41.51
N PRO B 99 -8.96 -12.52 -40.59
CA PRO B 99 -8.16 -11.98 -39.49
C PRO B 99 -7.01 -11.14 -40.02
N GLU B 100 -6.49 -11.52 -41.18
CA GLU B 100 -5.47 -10.72 -41.85
C GLU B 100 -6.01 -9.31 -42.12
N GLN B 101 -7.18 -9.24 -42.72
CA GLN B 101 -7.82 -7.96 -43.04
C GLN B 101 -8.19 -7.16 -41.79
N LEU B 102 -8.73 -7.84 -40.80
CA LEU B 102 -9.15 -7.18 -39.55
C LEU B 102 -7.94 -6.65 -38.78
N SER B 103 -6.76 -7.16 -39.09
CA SER B 103 -5.54 -6.71 -38.43
C SER B 103 -5.08 -5.35 -38.94
N GLU B 104 -5.67 -4.89 -40.04
CA GLU B 104 -5.36 -3.57 -40.58
C GLU B 104 -6.17 -2.49 -39.85
N LEU B 105 -7.08 -2.93 -38.99
CA LEU B 105 -8.00 -2.00 -38.32
C LEU B 105 -7.40 -1.25 -37.12
N PRO B 106 -6.66 -1.95 -36.24
CA PRO B 106 -6.13 -1.33 -35.02
C PRO B 106 -5.43 0.01 -35.26
N GLN B 107 -4.60 0.10 -36.29
CA GLN B 107 -3.88 1.35 -36.57
C GLN B 107 -4.82 2.49 -36.92
N ILE B 108 -5.93 2.17 -37.59
CA ILE B 108 -6.91 3.18 -37.94
C ILE B 108 -7.70 3.65 -36.73
N VAL B 109 -7.91 2.74 -35.78
CA VAL B 109 -8.69 3.05 -34.58
C VAL B 109 -7.95 3.99 -33.64
N PHE B 110 -6.73 3.60 -33.26
CA PHE B 110 -5.95 4.36 -32.29
C PHE B 110 -4.99 5.35 -32.95
N GLY B 111 -4.95 5.32 -34.27
CA GLY B 111 -4.07 6.19 -35.03
C GLY B 111 -4.79 7.40 -35.59
N ARG B 112 -6.07 7.23 -35.89
CA ARG B 112 -6.85 8.31 -36.48
C ARG B 112 -8.17 8.55 -35.75
N VAL B 113 -9.05 7.56 -35.80
CA VAL B 113 -10.41 7.71 -35.27
C VAL B 113 -10.46 8.29 -33.87
N ILE B 114 -9.96 7.54 -32.89
CA ILE B 114 -9.96 8.00 -31.50
C ILE B 114 -9.16 9.28 -31.29
N PRO B 115 -7.91 9.33 -31.81
CA PRO B 115 -7.11 10.55 -31.67
C PRO B 115 -7.81 11.78 -32.24
N GLN B 116 -8.55 11.59 -33.33
CA GLN B 116 -9.31 12.67 -33.95
C GLN B 116 -10.43 13.14 -33.04
N ARG B 117 -11.18 12.19 -32.47
CA ARG B 117 -12.26 12.50 -31.55
C ARG B 117 -11.74 13.19 -30.30
N VAL B 118 -10.64 12.67 -29.77
CA VAL B 118 -10.03 13.24 -28.57
C VAL B 118 -9.44 14.62 -28.87
N PHE B 119 -8.76 14.74 -30.00
CA PHE B 119 -8.18 16.02 -30.42
C PHE B 119 -9.27 17.08 -30.55
N ASP B 120 -10.35 16.71 -31.23
CA ASP B 120 -11.48 17.62 -31.40
C ASP B 120 -12.09 18.05 -30.07
N GLU B 121 -12.26 17.11 -29.16
CA GLU B 121 -12.92 17.39 -27.89
C GLU B 121 -12.06 18.21 -26.92
N LEU B 122 -10.75 18.08 -27.04
CA LEU B 122 -9.84 18.78 -26.15
C LEU B 122 -9.60 20.24 -26.56
N GLN B 123 -9.84 20.56 -27.83
CA GLN B 123 -9.66 21.92 -28.32
C GLN B 123 -10.37 22.93 -27.42
N PRO B 124 -11.68 22.75 -27.20
CA PRO B 124 -12.43 23.67 -26.35
C PRO B 124 -11.94 23.61 -24.91
N VAL B 125 -11.80 22.39 -24.39
CA VAL B 125 -11.37 22.19 -23.00
C VAL B 125 -10.08 22.94 -22.68
N ILE B 126 -9.08 22.78 -23.54
CA ILE B 126 -7.80 23.43 -23.34
C ILE B 126 -7.90 24.94 -23.46
N GLU B 127 -8.77 25.40 -24.35
CA GLU B 127 -8.89 26.82 -24.63
C GLU B 127 -9.29 27.63 -23.40
N ARG B 128 -10.38 27.25 -22.75
CA ARG B 128 -10.86 28.00 -21.59
C ARG B 128 -10.11 27.62 -20.31
N LEU B 129 -9.99 26.33 -20.04
CA LEU B 129 -9.26 25.86 -18.87
C LEU B 129 -7.87 26.46 -18.83
N ARG B 130 -7.18 26.43 -19.98
CA ARG B 130 -5.87 27.04 -20.11
C ARG B 130 -4.87 26.40 -19.15
N PRO B 131 -4.64 25.09 -19.28
CA PRO B 131 -3.74 24.36 -18.37
C PRO B 131 -2.28 24.78 -18.55
N ASP B 132 -1.53 24.77 -17.46
CA ASP B 132 -0.12 25.13 -17.50
C ASP B 132 0.73 23.94 -17.93
N LEU B 133 0.17 22.74 -17.81
CA LEU B 133 0.85 21.52 -18.21
C LEU B 133 -0.13 20.43 -18.63
N VAL B 134 0.27 19.65 -19.61
CA VAL B 134 -0.54 18.51 -20.06
C VAL B 134 0.24 17.21 -19.93
N VAL B 135 -0.29 16.28 -19.14
CA VAL B 135 0.30 14.96 -19.01
C VAL B 135 -0.42 13.98 -19.93
N GLN B 136 0.15 13.76 -21.11
CA GLN B 136 -0.46 12.91 -22.13
C GLN B 136 -0.09 11.45 -21.95
N GLU B 137 -1.11 10.60 -21.80
CA GLU B 137 -0.90 9.16 -21.79
C GLU B 137 -0.34 8.74 -23.15
N ILE B 138 0.70 7.92 -23.14
CA ILE B 138 1.45 7.61 -24.35
C ILE B 138 0.59 7.26 -25.57
N SER B 139 -0.45 6.46 -25.37
CA SER B 139 -1.29 6.03 -26.48
C SER B 139 -2.37 7.05 -26.85
N ASN B 140 -2.61 8.00 -25.95
CA ASN B 140 -3.59 9.04 -26.22
C ASN B 140 -3.01 10.14 -27.10
N TYR B 141 -2.69 9.78 -28.34
CA TYR B 141 -2.02 10.71 -29.26
C TYR B 141 -2.86 11.95 -29.54
N GLY B 142 -4.17 11.83 -29.37
CA GLY B 142 -5.07 12.95 -29.59
C GLY B 142 -4.78 14.09 -28.63
N ALA B 143 -4.43 13.76 -27.40
CA ALA B 143 -4.12 14.76 -26.39
C ALA B 143 -2.81 15.48 -26.73
N GLY B 144 -1.85 14.72 -27.25
CA GLY B 144 -0.56 15.27 -27.62
C GLY B 144 -0.68 16.24 -28.78
N LEU B 145 -1.60 15.94 -29.71
CA LEU B 145 -1.82 16.78 -30.87
C LEU B 145 -2.57 18.06 -30.50
N ALA B 146 -3.58 17.93 -29.66
CA ALA B 146 -4.33 19.10 -29.20
C ALA B 146 -3.43 20.02 -28.40
N ALA B 147 -2.53 19.42 -27.61
CA ALA B 147 -1.59 20.19 -26.81
C ALA B 147 -0.56 20.87 -27.71
N LEU B 148 -0.09 20.15 -28.71
CA LEU B 148 0.83 20.71 -29.70
C LEU B 148 0.21 21.93 -30.37
N LYS B 149 -0.98 21.73 -30.93
CA LYS B 149 -1.74 22.79 -31.58
C LYS B 149 -1.83 24.03 -30.69
N ALA B 150 -2.18 23.82 -29.42
CA ALA B 150 -2.37 24.92 -28.48
C ALA B 150 -1.07 25.44 -27.89
N GLY B 151 0.03 24.72 -28.13
CA GLY B 151 1.33 25.12 -27.64
C GLY B 151 1.53 24.88 -26.15
N ILE B 152 0.61 24.13 -25.53
CA ILE B 152 0.70 23.83 -24.11
C ILE B 152 1.89 22.91 -23.81
N PRO B 153 2.70 23.26 -22.81
CA PRO B 153 3.81 22.39 -22.39
C PRO B 153 3.29 21.00 -22.05
N THR B 154 3.92 19.97 -22.59
CA THR B 154 3.41 18.61 -22.45
C THR B 154 4.50 17.59 -22.12
N ILE B 155 4.14 16.62 -21.27
CA ILE B 155 5.00 15.47 -20.99
C ILE B 155 4.25 14.20 -21.34
N CYS B 156 5.00 13.15 -21.68
CA CYS B 156 4.39 11.89 -22.09
C CYS B 156 4.46 10.85 -20.98
N HIS B 157 3.28 10.38 -20.54
CA HIS B 157 3.21 9.42 -19.46
C HIS B 157 3.01 8.00 -20.00
N GLY B 158 4.04 7.18 -19.88
CA GLY B 158 4.00 5.81 -20.39
C GLY B 158 3.17 4.88 -19.53
N VAL B 159 2.77 3.75 -20.11
CA VAL B 159 1.97 2.77 -19.38
C VAL B 159 2.70 1.43 -19.25
N GLY B 160 3.71 1.22 -20.08
CA GLY B 160 4.46 -0.03 -20.05
C GLY B 160 5.77 0.01 -20.81
N ARG B 161 6.13 -1.12 -21.40
CA ARG B 161 7.40 -1.25 -22.11
C ARG B 161 7.34 -0.59 -23.48
N ASP B 162 8.49 -0.13 -23.97
CA ASP B 162 8.57 0.43 -25.31
C ASP B 162 8.40 -0.70 -26.33
N THR B 163 7.52 -0.50 -27.30
CA THR B 163 7.24 -1.54 -28.27
C THR B 163 7.46 -1.07 -29.71
N PRO B 164 8.72 -1.17 -30.19
CA PRO B 164 9.04 -0.84 -31.58
C PRO B 164 8.66 -1.97 -32.52
N ASP B 165 7.38 -2.36 -32.54
CA ASP B 165 6.90 -3.45 -33.38
C ASP B 165 6.01 -2.92 -34.51
N ASP B 166 5.61 -3.81 -35.41
CA ASP B 166 4.83 -3.41 -36.57
C ASP B 166 3.49 -2.76 -36.18
N LEU B 167 2.88 -3.25 -35.10
CA LEU B 167 1.61 -2.70 -34.64
C LEU B 167 1.75 -1.22 -34.29
N THR B 168 2.75 -0.91 -33.47
CA THR B 168 2.95 0.45 -32.98
C THR B 168 3.31 1.41 -34.12
N ARG B 169 4.21 0.99 -35.00
CA ARG B 169 4.62 1.83 -36.12
C ARG B 169 3.43 2.13 -37.03
N SER B 170 2.58 1.14 -37.26
CA SER B 170 1.38 1.34 -38.07
C SER B 170 0.51 2.43 -37.46
N ILE B 171 0.34 2.36 -36.14
CA ILE B 171 -0.46 3.34 -35.42
C ILE B 171 0.16 4.73 -35.51
N GLU B 172 1.45 4.81 -35.21
CA GLU B 172 2.17 6.09 -35.24
C GLU B 172 2.10 6.74 -36.61
N GLU B 173 2.24 5.93 -37.65
CA GLU B 173 2.22 6.44 -39.02
C GLU B 173 0.83 6.96 -39.36
N GLU B 174 -0.20 6.40 -38.74
CA GLU B 174 -1.56 6.91 -38.88
C GLU B 174 -1.69 8.26 -38.19
N VAL B 175 -0.98 8.39 -37.07
CA VAL B 175 -0.96 9.65 -36.32
C VAL B 175 -0.28 10.73 -37.16
N ARG B 176 0.80 10.34 -37.84
CA ARG B 176 1.55 11.28 -38.68
C ARG B 176 0.68 11.81 -39.82
N GLY B 177 -0.13 10.92 -40.40
CA GLY B 177 -1.05 11.32 -41.45
C GLY B 177 -2.12 12.27 -40.91
N LEU B 178 -2.60 11.98 -39.70
CA LEU B 178 -3.60 12.83 -39.06
C LEU B 178 -3.02 14.21 -38.76
N ALA B 179 -1.84 14.24 -38.17
CA ALA B 179 -1.17 15.50 -37.83
C ALA B 179 -1.00 16.38 -39.06
N GLN B 180 -0.41 15.82 -40.11
CA GLN B 180 -0.24 16.53 -41.37
C GLN B 180 -1.59 17.07 -41.83
N ARG B 181 -2.62 16.24 -41.72
CA ARG B 181 -3.97 16.59 -42.15
C ARG B 181 -4.54 17.71 -41.30
N LEU B 182 -4.06 17.83 -40.06
CA LEU B 182 -4.49 18.88 -39.15
C LEU B 182 -3.60 20.12 -39.26
N GLY B 183 -2.56 20.03 -40.10
CA GLY B 183 -1.65 21.13 -40.28
C GLY B 183 -0.51 21.13 -39.29
N LEU B 184 -0.55 20.20 -38.34
CA LEU B 184 0.49 20.10 -37.33
C LEU B 184 1.55 19.08 -37.73
N ASP B 185 2.20 19.33 -38.87
CA ASP B 185 3.21 18.41 -39.40
C ASP B 185 4.19 17.95 -38.32
N LEU B 186 4.52 16.67 -38.35
CA LEU B 186 5.42 16.08 -37.37
C LEU B 186 6.77 15.71 -38.00
N PRO B 187 7.82 15.66 -37.18
CA PRO B 187 9.15 15.22 -37.64
C PRO B 187 9.12 13.77 -38.10
N PRO B 188 9.77 13.47 -39.23
CA PRO B 188 9.82 12.11 -39.75
C PRO B 188 10.36 11.14 -38.70
N GLY B 189 9.87 9.91 -38.72
CA GLY B 189 10.29 8.91 -37.76
C GLY B 189 9.26 8.65 -36.70
N ARG B 190 9.65 7.92 -35.65
CA ARG B 190 8.74 7.54 -34.58
C ARG B 190 8.15 8.77 -33.88
N ILE B 191 6.93 8.64 -33.39
CA ILE B 191 6.29 9.71 -32.64
C ILE B 191 7.16 10.10 -31.46
N ASP B 192 7.65 9.10 -30.73
CA ASP B 192 8.57 9.33 -29.62
C ASP B 192 8.00 10.33 -28.62
N GLY B 193 6.73 10.15 -28.26
CA GLY B 193 6.09 11.01 -27.28
C GLY B 193 6.15 12.47 -27.70
N PHE B 194 6.10 12.71 -29.01
CA PHE B 194 6.17 14.05 -29.55
C PHE B 194 7.40 14.82 -29.08
N GLY B 195 8.51 14.09 -28.93
CA GLY B 195 9.76 14.67 -28.51
C GLY B 195 9.74 15.28 -27.12
N ASN B 196 8.68 15.00 -26.37
CA ASN B 196 8.54 15.55 -25.03
C ASN B 196 9.22 14.71 -23.95
N PRO B 197 9.40 15.30 -22.75
CA PRO B 197 9.91 14.53 -21.61
C PRO B 197 9.04 13.30 -21.37
N PHE B 198 9.65 12.17 -21.03
CA PHE B 198 8.89 10.94 -20.90
C PHE B 198 8.92 10.37 -19.48
N ILE B 199 7.73 10.05 -18.95
CA ILE B 199 7.62 9.42 -17.65
C ILE B 199 7.52 7.91 -17.84
N ASP B 200 8.60 7.19 -17.50
CA ASP B 200 8.67 5.75 -17.73
C ASP B 200 8.46 4.96 -16.44
N ILE B 201 7.41 4.15 -16.41
CA ILE B 201 7.05 3.38 -15.22
C ILE B 201 7.50 1.94 -15.33
N PHE B 202 8.10 1.58 -16.46
CA PHE B 202 8.57 0.22 -16.67
C PHE B 202 9.93 0.02 -16.00
N PRO B 203 10.11 -1.12 -15.30
CA PRO B 203 11.40 -1.41 -14.65
C PRO B 203 12.56 -1.24 -15.63
N PRO B 204 13.50 -0.33 -15.31
CA PRO B 204 14.60 0.01 -16.20
C PRO B 204 15.36 -1.21 -16.73
N SER B 205 15.55 -2.22 -15.88
CA SER B 205 16.31 -3.40 -16.27
C SER B 205 15.58 -4.28 -17.28
N LEU B 206 14.27 -4.07 -17.38
CA LEU B 206 13.45 -4.82 -18.33
C LEU B 206 13.07 -3.97 -19.54
N GLN B 207 13.27 -2.66 -19.42
CA GLN B 207 12.94 -1.71 -20.48
C GLN B 207 13.86 -1.90 -21.68
N GLU B 208 13.33 -1.59 -22.87
CA GLU B 208 14.14 -1.61 -24.08
C GLU B 208 15.38 -0.73 -23.89
N PRO B 209 16.57 -1.34 -23.99
CA PRO B 209 17.85 -0.67 -23.75
C PRO B 209 17.96 0.68 -24.44
N GLU B 210 17.76 0.70 -25.75
CA GLU B 210 17.82 1.95 -26.51
C GLU B 210 16.94 3.02 -25.87
N PHE B 211 15.68 2.68 -25.63
CA PHE B 211 14.73 3.62 -25.06
C PHE B 211 15.15 4.06 -23.67
N ARG B 212 15.79 3.16 -22.93
CA ARG B 212 16.23 3.47 -21.57
C ARG B 212 17.25 4.60 -21.58
N ALA B 213 17.95 4.76 -22.70
CA ALA B 213 18.96 5.79 -22.84
C ALA B 213 18.39 7.10 -23.38
N ARG B 214 17.11 7.08 -23.73
CA ARG B 214 16.44 8.25 -24.28
C ARG B 214 16.67 9.49 -23.41
N PRO B 215 16.97 10.63 -24.03
CA PRO B 215 17.12 11.90 -23.32
C PRO B 215 15.78 12.39 -22.75
N ARG B 216 15.83 13.10 -21.63
CA ARG B 216 14.65 13.66 -21.00
C ARG B 216 13.63 12.58 -20.61
N ARG B 217 14.14 11.43 -20.21
CA ARG B 217 13.30 10.34 -19.71
C ARG B 217 13.44 10.26 -18.19
N HIS B 218 12.31 10.16 -17.50
CA HIS B 218 12.31 10.16 -16.04
C HIS B 218 11.57 8.95 -15.47
N GLU B 219 12.19 8.29 -14.49
CA GLU B 219 11.60 7.11 -13.89
C GLU B 219 10.43 7.45 -12.96
N LEU B 220 9.49 6.54 -12.86
CA LEU B 220 8.37 6.67 -11.94
C LEU B 220 7.89 5.28 -11.56
N ARG B 221 7.84 4.99 -10.26
CA ARG B 221 7.41 3.69 -9.79
C ARG B 221 6.00 3.37 -10.26
N PRO B 222 5.83 2.23 -10.93
CA PRO B 222 4.53 1.79 -11.45
C PRO B 222 3.58 1.42 -10.32
N VAL B 223 3.11 2.41 -9.58
CA VAL B 223 2.18 2.19 -8.48
C VAL B 223 0.82 1.71 -8.98
N PRO B 224 0.36 0.56 -8.48
CA PRO B 224 -0.96 0.04 -8.85
C PRO B 224 -2.07 0.88 -8.25
N PHE B 225 -3.15 1.09 -9.00
CA PHE B 225 -4.23 1.95 -8.52
C PHE B 225 -4.87 1.40 -7.26
N ALA B 226 -4.78 2.17 -6.18
CA ALA B 226 -5.34 1.76 -4.89
C ALA B 226 -6.85 1.98 -4.84
N GLU B 227 -7.59 1.25 -5.67
CA GLU B 227 -9.04 1.33 -5.63
C GLU B 227 -9.57 0.72 -4.33
N GLN B 228 -10.39 1.47 -3.62
CA GLN B 228 -10.93 0.98 -2.36
C GLN B 228 -12.23 0.21 -2.56
N GLY B 229 -12.20 -1.06 -2.16
CA GLY B 229 -13.34 -1.94 -2.29
C GLY B 229 -13.10 -3.16 -1.42
N ASP B 230 -14.10 -4.02 -1.31
CA ASP B 230 -13.98 -5.21 -0.46
C ASP B 230 -13.40 -6.39 -1.22
N LEU B 231 -12.39 -7.02 -0.63
CA LEU B 231 -11.89 -8.29 -1.14
C LEU B 231 -12.91 -9.38 -0.81
N PRO B 232 -13.10 -10.34 -1.72
CA PRO B 232 -14.05 -11.43 -1.49
C PRO B 232 -13.93 -11.98 -0.07
N ALA B 233 -15.05 -12.08 0.62
CA ALA B 233 -15.06 -12.50 2.02
C ALA B 233 -14.44 -13.88 2.21
N TRP B 234 -14.61 -14.74 1.21
CA TRP B 234 -14.13 -16.11 1.30
C TRP B 234 -12.61 -16.24 1.44
N LEU B 235 -11.89 -15.15 1.17
CA LEU B 235 -10.44 -15.15 1.35
C LEU B 235 -10.09 -15.36 2.82
N SER B 236 -11.00 -14.92 3.69
CA SER B 236 -10.77 -14.93 5.13
C SER B 236 -10.83 -16.32 5.74
N SER B 237 -11.44 -17.28 5.04
CA SER B 237 -11.64 -18.61 5.61
C SER B 237 -11.17 -19.74 4.69
N ARG B 238 -10.34 -19.42 3.70
CA ARG B 238 -9.80 -20.44 2.80
C ARG B 238 -8.63 -21.15 3.46
N ASP B 239 -8.11 -22.19 2.82
CA ASP B 239 -6.93 -22.87 3.32
C ASP B 239 -5.67 -22.13 2.91
N THR B 240 -5.24 -21.21 3.77
CA THR B 240 -4.08 -20.37 3.48
C THR B 240 -2.78 -21.16 3.45
N ALA B 241 -2.87 -22.46 3.74
CA ALA B 241 -1.70 -23.32 3.68
C ALA B 241 -1.46 -23.80 2.25
N ARG B 242 -2.39 -23.48 1.36
CA ARG B 242 -2.22 -23.82 -0.05
C ARG B 242 -2.28 -22.56 -0.92
N PRO B 243 -1.72 -22.63 -2.14
CA PRO B 243 -1.58 -21.46 -3.01
C PRO B 243 -2.90 -20.77 -3.35
N LEU B 244 -2.86 -19.46 -3.53
CA LEU B 244 -3.99 -18.69 -4.04
C LEU B 244 -3.65 -18.20 -5.43
N VAL B 245 -4.44 -18.62 -6.42
CA VAL B 245 -4.17 -18.25 -7.81
C VAL B 245 -5.16 -17.19 -8.28
N TYR B 246 -4.65 -16.19 -8.99
CA TYR B 246 -5.49 -15.12 -9.51
C TYR B 246 -5.57 -15.19 -11.02
N LEU B 247 -6.77 -15.41 -11.55
CA LEU B 247 -6.98 -15.49 -12.98
C LEU B 247 -7.81 -14.33 -13.49
N THR B 248 -7.29 -13.64 -14.51
CA THR B 248 -8.01 -12.52 -15.11
C THR B 248 -7.58 -12.33 -16.55
N LEU B 249 -8.50 -11.83 -17.39
CA LEU B 249 -8.16 -11.56 -18.78
C LEU B 249 -8.32 -10.08 -19.13
N GLY B 250 -8.08 -9.22 -18.16
CA GLY B 250 -8.12 -7.78 -18.38
C GLY B 250 -9.53 -7.24 -18.48
N THR B 251 -9.65 -6.05 -19.07
CA THR B 251 -10.94 -5.38 -19.15
C THR B 251 -11.33 -5.05 -20.59
N SER B 252 -10.48 -5.41 -21.55
CA SER B 252 -10.76 -5.10 -22.95
C SER B 252 -9.93 -5.90 -23.95
N SER B 253 -10.53 -6.95 -24.50
CA SER B 253 -9.97 -7.68 -25.64
C SER B 253 -8.69 -8.47 -25.34
N GLY B 254 -8.40 -8.67 -24.05
CA GLY B 254 -7.25 -9.45 -23.64
C GLY B 254 -7.31 -10.89 -24.15
N GLY B 255 -8.43 -11.55 -23.87
CA GLY B 255 -8.64 -12.93 -24.30
C GLY B 255 -10.11 -13.21 -24.58
N THR B 256 -10.43 -14.48 -24.75
CA THR B 256 -11.81 -14.89 -25.03
C THR B 256 -12.39 -15.75 -23.92
N VAL B 257 -13.67 -16.10 -24.05
CA VAL B 257 -14.33 -16.92 -23.05
C VAL B 257 -13.83 -18.37 -23.11
N GLU B 258 -13.49 -18.82 -24.31
CA GLU B 258 -12.94 -20.16 -24.49
C GLU B 258 -11.61 -20.32 -23.76
N VAL B 259 -10.78 -19.28 -23.84
CA VAL B 259 -9.51 -19.27 -23.13
C VAL B 259 -9.73 -19.28 -21.62
N LEU B 260 -10.71 -18.50 -21.17
CA LEU B 260 -11.04 -18.44 -19.75
C LEU B 260 -11.45 -19.82 -19.23
N ARG B 261 -12.26 -20.52 -20.00
CA ARG B 261 -12.73 -21.85 -19.64
C ARG B 261 -11.56 -22.83 -19.53
N ALA B 262 -10.63 -22.73 -20.48
CA ALA B 262 -9.46 -23.62 -20.49
C ALA B 262 -8.56 -23.38 -19.29
N ALA B 263 -8.36 -22.11 -18.96
CA ALA B 263 -7.51 -21.74 -17.82
C ALA B 263 -8.15 -22.20 -16.52
N ILE B 264 -9.46 -21.99 -16.41
CA ILE B 264 -10.21 -22.39 -15.22
C ILE B 264 -10.09 -23.88 -14.96
N ASP B 265 -10.36 -24.69 -15.97
CA ASP B 265 -10.31 -26.14 -15.84
C ASP B 265 -8.90 -26.62 -15.49
N GLY B 266 -7.89 -25.92 -16.01
CA GLY B 266 -6.51 -26.28 -15.75
C GLY B 266 -6.05 -25.93 -14.35
N LEU B 267 -6.55 -24.81 -13.83
CA LEU B 267 -6.17 -24.36 -12.50
C LEU B 267 -7.02 -25.00 -11.40
N ALA B 268 -8.25 -25.38 -11.74
CA ALA B 268 -9.15 -25.96 -10.77
C ALA B 268 -8.65 -27.30 -10.24
N GLY B 269 -7.83 -27.96 -11.06
CA GLY B 269 -7.30 -29.27 -10.70
C GLY B 269 -6.19 -29.21 -9.69
N LEU B 270 -5.54 -28.05 -9.60
CA LEU B 270 -4.44 -27.87 -8.66
C LEU B 270 -4.97 -27.91 -7.23
N ASP B 271 -4.10 -28.24 -6.28
CA ASP B 271 -4.45 -28.14 -4.88
C ASP B 271 -4.28 -26.67 -4.48
N ALA B 272 -5.23 -25.86 -4.90
CA ALA B 272 -5.16 -24.42 -4.66
C ALA B 272 -6.53 -23.77 -4.77
N ASP B 273 -6.65 -22.56 -4.21
CA ASP B 273 -7.85 -21.77 -4.38
C ASP B 273 -7.66 -20.84 -5.58
N VAL B 274 -8.73 -20.59 -6.32
CA VAL B 274 -8.63 -19.79 -7.54
C VAL B 274 -9.64 -18.66 -7.55
N LEU B 275 -9.15 -17.43 -7.69
CA LEU B 275 -10.01 -16.27 -7.77
C LEU B 275 -10.01 -15.74 -9.20
N VAL B 276 -11.20 -15.65 -9.80
CA VAL B 276 -11.32 -15.20 -11.18
C VAL B 276 -12.01 -13.85 -11.28
N ALA B 277 -11.40 -12.92 -12.00
CA ALA B 277 -12.02 -11.64 -12.30
C ALA B 277 -12.17 -11.51 -13.81
N SER B 278 -13.40 -11.61 -14.30
CA SER B 278 -13.66 -11.70 -15.73
C SER B 278 -13.68 -10.34 -16.45
N GLY B 279 -13.83 -9.27 -15.68
CA GLY B 279 -13.81 -7.92 -16.23
C GLY B 279 -15.16 -7.48 -16.80
N PRO B 280 -15.22 -6.23 -17.26
CA PRO B 280 -16.43 -5.58 -17.79
C PRO B 280 -16.72 -5.91 -19.27
N SER B 281 -15.78 -6.55 -19.96
CA SER B 281 -15.95 -6.80 -21.39
C SER B 281 -16.22 -8.26 -21.74
N LEU B 282 -15.65 -9.20 -20.99
CA LEU B 282 -15.78 -10.61 -21.32
C LEU B 282 -17.16 -11.16 -20.95
N ASP B 283 -17.91 -11.57 -21.97
CA ASP B 283 -19.22 -12.16 -21.76
C ASP B 283 -19.08 -13.62 -21.33
N VAL B 284 -19.34 -13.88 -20.05
CA VAL B 284 -19.17 -15.22 -19.49
C VAL B 284 -20.51 -15.87 -19.16
N SER B 285 -21.56 -15.42 -19.82
CA SER B 285 -22.90 -15.95 -19.58
C SER B 285 -22.95 -17.46 -19.77
N GLY B 286 -22.23 -17.96 -20.78
CA GLY B 286 -22.24 -19.38 -21.09
C GLY B 286 -21.02 -20.13 -20.59
N LEU B 287 -20.37 -19.59 -19.56
CA LEU B 287 -19.16 -20.21 -19.02
C LEU B 287 -19.45 -21.60 -18.45
N GLY B 288 -20.61 -21.74 -17.81
CA GLY B 288 -20.98 -23.00 -17.22
C GLY B 288 -20.61 -23.07 -15.75
N GLU B 289 -20.53 -24.30 -15.23
CA GLU B 289 -20.21 -24.49 -13.82
C GLU B 289 -18.71 -24.65 -13.58
N VAL B 290 -18.29 -24.41 -12.34
CA VAL B 290 -16.88 -24.53 -11.97
C VAL B 290 -16.77 -25.25 -10.62
N PRO B 291 -15.65 -25.93 -10.38
CA PRO B 291 -15.41 -26.57 -9.09
C PRO B 291 -15.49 -25.56 -7.94
N ALA B 292 -15.68 -26.05 -6.72
CA ALA B 292 -15.88 -25.17 -5.57
C ALA B 292 -14.67 -24.29 -5.25
N ASN B 293 -13.47 -24.82 -5.48
CA ASN B 293 -12.26 -24.06 -5.20
C ASN B 293 -12.06 -22.90 -6.18
N VAL B 294 -12.93 -22.82 -7.18
CA VAL B 294 -12.88 -21.74 -8.15
C VAL B 294 -14.00 -20.73 -7.88
N ARG B 295 -13.62 -19.49 -7.56
CA ARG B 295 -14.59 -18.45 -7.30
C ARG B 295 -14.62 -17.40 -8.41
N LEU B 296 -15.82 -17.16 -8.94
CA LEU B 296 -15.99 -16.18 -10.01
C LEU B 296 -16.44 -14.82 -9.49
N GLU B 297 -15.64 -13.80 -9.75
CA GLU B 297 -15.96 -12.43 -9.37
C GLU B 297 -16.06 -11.58 -10.64
N SER B 298 -16.87 -10.53 -10.58
CA SER B 298 -16.98 -9.60 -11.70
C SER B 298 -15.83 -8.60 -11.67
N TRP B 299 -15.55 -8.08 -10.47
CA TRP B 299 -14.52 -7.07 -10.29
C TRP B 299 -13.92 -7.16 -8.89
N VAL B 300 -12.60 -7.02 -8.81
CA VAL B 300 -11.90 -7.06 -7.52
C VAL B 300 -10.96 -5.86 -7.39
N PRO B 301 -10.67 -5.47 -6.15
CA PRO B 301 -9.65 -4.44 -5.90
C PRO B 301 -8.27 -5.05 -6.16
N GLN B 302 -7.89 -5.14 -7.42
CA GLN B 302 -6.70 -5.90 -7.82
C GLN B 302 -5.45 -5.51 -7.03
N ALA B 303 -5.20 -4.22 -6.89
CA ALA B 303 -4.02 -3.76 -6.16
C ALA B 303 -3.96 -4.35 -4.75
N ALA B 304 -5.11 -4.52 -4.13
CA ALA B 304 -5.19 -5.02 -2.76
C ALA B 304 -5.10 -6.54 -2.70
N LEU B 305 -5.51 -7.20 -3.79
CA LEU B 305 -5.53 -8.66 -3.85
C LEU B 305 -4.14 -9.26 -4.01
N LEU B 306 -3.31 -8.64 -4.84
CA LEU B 306 -2.05 -9.24 -5.25
C LEU B 306 -1.11 -9.67 -4.12
N PRO B 307 -0.97 -8.84 -3.07
CA PRO B 307 -0.10 -9.24 -1.96
C PRO B 307 -0.51 -10.57 -1.33
N HIS B 308 -1.72 -11.03 -1.62
CA HIS B 308 -2.23 -12.29 -1.09
C HIS B 308 -2.07 -13.46 -2.07
N VAL B 309 -1.57 -13.16 -3.28
CA VAL B 309 -1.57 -14.14 -4.37
C VAL B 309 -0.23 -14.85 -4.56
N ASP B 310 -0.28 -16.12 -4.95
CA ASP B 310 0.94 -16.89 -5.20
C ASP B 310 1.25 -16.99 -6.70
N LEU B 311 0.22 -16.87 -7.53
CA LEU B 311 0.39 -16.97 -8.97
C LEU B 311 -0.67 -16.16 -9.71
N VAL B 312 -0.21 -15.28 -10.61
CA VAL B 312 -1.11 -14.49 -11.43
C VAL B 312 -1.17 -15.00 -12.86
N VAL B 313 -2.34 -15.47 -13.26
CA VAL B 313 -2.56 -15.95 -14.63
C VAL B 313 -3.41 -14.94 -15.37
N HIS B 314 -2.88 -14.40 -16.47
CA HIS B 314 -3.59 -13.35 -17.20
C HIS B 314 -3.27 -13.27 -18.69
N HIS B 315 -3.87 -12.29 -19.35
CA HIS B 315 -3.75 -12.11 -20.79
C HIS B 315 -2.40 -11.53 -21.19
N GLY B 316 -1.78 -10.79 -20.28
CA GLY B 316 -0.48 -10.19 -20.53
C GLY B 316 -0.51 -8.68 -20.62
N GLY B 317 -1.61 -8.08 -20.16
CA GLY B 317 -1.73 -6.64 -20.12
C GLY B 317 -0.63 -6.02 -19.27
N SER B 318 -0.29 -4.77 -19.55
CA SER B 318 0.78 -4.09 -18.83
C SER B 318 0.45 -3.87 -17.36
N GLY B 319 -0.81 -3.55 -17.07
CA GLY B 319 -1.24 -3.28 -15.71
C GLY B 319 -1.07 -4.47 -14.80
N THR B 320 -1.53 -5.63 -15.25
CA THR B 320 -1.44 -6.86 -14.47
C THR B 320 0.00 -7.38 -14.47
N THR B 321 0.70 -7.18 -15.57
CA THR B 321 2.11 -7.54 -15.66
C THR B 321 2.93 -6.82 -14.59
N LEU B 322 2.83 -5.49 -14.58
CA LEU B 322 3.57 -4.68 -13.63
C LEU B 322 3.09 -4.91 -12.20
N GLY B 323 1.80 -5.18 -12.04
CA GLY B 323 1.21 -5.40 -10.74
C GLY B 323 1.76 -6.66 -10.09
N ALA B 324 1.85 -7.72 -10.88
CA ALA B 324 2.40 -8.99 -10.39
C ALA B 324 3.88 -8.84 -10.05
N LEU B 325 4.63 -8.19 -10.94
CA LEU B 325 6.06 -7.97 -10.70
C LEU B 325 6.30 -7.16 -9.44
N GLY B 326 5.59 -6.04 -9.31
CA GLY B 326 5.75 -5.18 -8.15
C GLY B 326 5.35 -5.84 -6.85
N ALA B 327 4.56 -6.92 -6.94
CA ALA B 327 4.13 -7.65 -5.75
C ALA B 327 5.02 -8.85 -5.49
N GLY B 328 5.99 -9.08 -6.37
CA GLY B 328 6.89 -10.19 -6.21
C GLY B 328 6.22 -11.53 -6.42
N VAL B 329 5.19 -11.54 -7.28
CA VAL B 329 4.42 -12.74 -7.55
C VAL B 329 4.67 -13.26 -8.97
N PRO B 330 4.95 -14.57 -9.09
CA PRO B 330 5.15 -15.21 -10.40
C PRO B 330 3.90 -15.06 -11.25
N GLN B 331 4.07 -14.96 -12.57
CA GLN B 331 2.91 -14.79 -13.45
C GLN B 331 2.95 -15.67 -14.69
N LEU B 332 1.77 -16.12 -15.11
CA LEU B 332 1.63 -16.87 -16.35
C LEU B 332 0.72 -16.09 -17.30
N SER B 333 1.24 -15.73 -18.46
CA SER B 333 0.48 -14.91 -19.39
C SER B 333 0.08 -15.66 -20.66
N PHE B 334 -1.01 -15.19 -21.28
CA PHE B 334 -1.47 -15.73 -22.55
C PHE B 334 -1.46 -14.60 -23.57
N PRO B 335 -0.26 -14.22 -24.03
CA PRO B 335 -0.09 -13.08 -24.92
C PRO B 335 -0.82 -13.26 -26.25
N TRP B 336 -1.46 -12.20 -26.71
CA TRP B 336 -2.17 -12.23 -27.99
C TRP B 336 -2.39 -10.83 -28.54
N ALA B 337 -2.75 -9.89 -27.67
CA ALA B 337 -3.06 -8.54 -28.10
C ALA B 337 -2.01 -7.51 -27.67
N GLY B 338 -1.84 -6.49 -28.49
CA GLY B 338 -0.97 -5.36 -28.18
C GLY B 338 0.42 -5.71 -27.68
N ASP B 339 0.78 -5.13 -26.53
CA ASP B 339 2.11 -5.29 -25.97
C ASP B 339 2.26 -6.53 -25.10
N SER B 340 1.31 -7.45 -25.19
CA SER B 340 1.32 -8.65 -24.36
C SER B 340 2.56 -9.50 -24.63
N PHE B 341 2.98 -9.56 -25.89
CA PHE B 341 4.15 -10.32 -26.28
C PHE B 341 5.42 -9.67 -25.73
N ALA B 342 5.46 -8.35 -25.77
CA ALA B 342 6.59 -7.60 -25.24
C ALA B 342 6.72 -7.81 -23.74
N ASN B 343 5.59 -7.77 -23.02
CA ASN B 343 5.59 -8.01 -21.59
C ASN B 343 5.99 -9.45 -21.27
N ALA B 344 5.52 -10.39 -22.07
CA ALA B 344 5.87 -11.79 -21.89
C ALA B 344 7.38 -12.00 -22.01
N GLN B 345 7.99 -11.30 -22.97
CA GLN B 345 9.43 -11.33 -23.15
C GLN B 345 10.16 -10.77 -21.93
N ALA B 346 9.72 -9.60 -21.47
CA ALA B 346 10.31 -8.96 -20.30
C ALA B 346 10.22 -9.87 -19.08
N VAL B 347 9.06 -10.46 -18.86
CA VAL B 347 8.85 -11.35 -17.72
C VAL B 347 9.83 -12.52 -17.77
N ALA B 348 9.92 -13.15 -18.94
CA ALA B 348 10.83 -14.27 -19.14
C ALA B 348 12.27 -13.83 -18.96
N GLN B 349 12.59 -12.63 -19.41
CA GLN B 349 13.92 -12.08 -19.25
C GLN B 349 14.35 -12.01 -17.79
N ALA B 350 13.39 -11.72 -16.91
CA ALA B 350 13.67 -11.61 -15.48
C ALA B 350 13.46 -12.94 -14.76
N GLY B 351 13.12 -13.98 -15.52
CA GLY B 351 12.79 -15.26 -14.93
C GLY B 351 11.71 -15.12 -13.87
N ALA B 352 10.77 -14.22 -14.09
CA ALA B 352 9.71 -13.95 -13.11
C ALA B 352 8.38 -14.56 -13.52
N GLY B 353 8.42 -15.45 -14.51
CA GLY B 353 7.21 -16.12 -14.97
C GLY B 353 7.39 -16.76 -16.32
N ASP B 354 6.27 -17.06 -16.98
CA ASP B 354 6.30 -17.69 -18.28
C ASP B 354 4.99 -17.43 -19.03
N HIS B 355 4.87 -17.99 -20.23
CA HIS B 355 3.68 -17.75 -21.05
C HIS B 355 3.35 -18.93 -21.96
N LEU B 356 2.12 -18.94 -22.44
CA LEU B 356 1.67 -19.92 -23.43
C LEU B 356 1.13 -19.20 -24.65
N LEU B 357 1.56 -19.62 -25.84
CA LEU B 357 1.10 -19.01 -27.08
C LEU B 357 -0.35 -19.37 -27.37
N PRO B 358 -1.03 -18.56 -28.19
CA PRO B 358 -2.46 -18.72 -28.50
C PRO B 358 -2.83 -20.12 -28.97
N ASP B 359 -1.87 -20.82 -29.59
CA ASP B 359 -2.15 -22.14 -30.15
C ASP B 359 -1.84 -23.26 -29.16
N ASN B 360 -1.64 -22.90 -27.90
CA ASN B 360 -1.25 -23.87 -26.88
C ASN B 360 -1.97 -23.65 -25.55
N ILE B 361 -3.23 -23.26 -25.62
CA ILE B 361 -4.02 -22.98 -24.43
C ILE B 361 -5.05 -24.08 -24.19
N SER B 362 -4.75 -24.95 -23.22
CA SER B 362 -5.65 -26.03 -22.86
C SER B 362 -5.56 -26.27 -21.37
N PRO B 363 -6.57 -26.94 -20.79
CA PRO B 363 -6.53 -27.29 -19.37
C PRO B 363 -5.22 -27.97 -18.98
N ASP B 364 -4.72 -28.83 -19.86
CA ASP B 364 -3.49 -29.56 -19.57
C ASP B 364 -2.24 -28.69 -19.63
N SER B 365 -2.14 -27.87 -20.67
CA SER B 365 -0.98 -26.98 -20.83
C SER B 365 -0.95 -25.92 -19.73
N VAL B 366 -2.11 -25.37 -19.40
CA VAL B 366 -2.20 -24.37 -18.34
C VAL B 366 -1.89 -25.00 -17.00
N SER B 367 -2.39 -26.22 -16.79
CA SER B 367 -2.14 -26.95 -15.55
C SER B 367 -0.65 -27.17 -15.35
N GLY B 368 0.01 -27.66 -16.40
CA GLY B 368 1.42 -27.97 -16.33
C GLY B 368 2.27 -26.74 -16.06
N ALA B 369 2.00 -25.67 -16.79
CA ALA B 369 2.75 -24.43 -16.61
C ALA B 369 2.53 -23.84 -15.22
N ALA B 370 1.29 -23.90 -14.73
CA ALA B 370 0.98 -23.42 -13.39
C ALA B 370 1.71 -24.22 -12.32
N LYS B 371 1.70 -25.54 -12.47
CA LYS B 371 2.39 -26.42 -11.52
C LYS B 371 3.87 -26.07 -11.43
N ARG B 372 4.47 -25.77 -12.58
CA ARG B 372 5.90 -25.46 -12.62
C ARG B 372 6.21 -24.11 -11.96
N LEU B 373 5.44 -23.08 -12.30
CA LEU B 373 5.69 -21.75 -11.77
C LEU B 373 5.52 -21.70 -10.25
N LEU B 374 4.76 -22.65 -9.72
CA LEU B 374 4.51 -22.72 -8.28
C LEU B 374 5.53 -23.61 -7.57
N ALA B 375 6.04 -24.62 -8.27
CA ALA B 375 6.96 -25.58 -7.68
C ALA B 375 8.40 -25.06 -7.69
N GLU B 376 8.84 -24.54 -8.83
CA GLU B 376 10.19 -24.03 -8.96
C GLU B 376 10.33 -22.63 -8.37
N GLU B 377 11.13 -22.53 -7.31
CA GLU B 377 11.29 -21.30 -6.55
C GLU B 377 11.87 -20.15 -7.37
N SER B 378 12.67 -20.46 -8.38
CA SER B 378 13.34 -19.44 -9.19
C SER B 378 12.39 -18.44 -9.81
N TYR B 379 11.14 -18.84 -10.02
CA TYR B 379 10.16 -17.94 -10.64
C TYR B 379 9.71 -16.83 -9.70
N ARG B 380 9.47 -17.16 -8.44
CA ARG B 380 9.14 -16.15 -7.45
C ARG B 380 10.37 -15.28 -7.18
N ALA B 381 11.52 -15.94 -7.06
CA ALA B 381 12.79 -15.24 -6.87
C ALA B 381 12.97 -14.19 -7.94
N GLY B 382 12.67 -14.55 -9.19
CA GLY B 382 12.76 -13.61 -10.30
C GLY B 382 11.78 -12.46 -10.16
N ALA B 383 10.59 -12.74 -9.65
CA ALA B 383 9.57 -11.71 -9.46
C ALA B 383 9.89 -10.81 -8.27
N ARG B 384 10.48 -11.38 -7.23
CA ARG B 384 10.87 -10.60 -6.05
C ARG B 384 12.00 -9.65 -6.37
N ALA B 385 12.89 -10.08 -7.27
CA ALA B 385 13.98 -9.25 -7.74
C ALA B 385 13.45 -7.98 -8.39
N VAL B 386 12.40 -8.13 -9.18
CA VAL B 386 11.80 -7.00 -9.86
C VAL B 386 11.00 -6.15 -8.89
N ALA B 387 10.34 -6.81 -7.93
CA ALA B 387 9.59 -6.10 -6.90
C ALA B 387 10.51 -5.14 -6.16
N ALA B 388 11.72 -5.60 -5.88
CA ALA B 388 12.72 -4.78 -5.22
C ALA B 388 13.13 -3.60 -6.11
N GLU B 389 13.36 -3.88 -7.39
CA GLU B 389 13.74 -2.84 -8.33
C GLU B 389 12.63 -1.79 -8.44
N ILE B 390 11.38 -2.24 -8.46
CA ILE B 390 10.25 -1.33 -8.57
C ILE B 390 10.15 -0.43 -7.34
N ALA B 391 10.38 -1.01 -6.16
CA ALA B 391 10.30 -0.26 -4.91
C ALA B 391 11.36 0.83 -4.84
N ALA B 392 12.50 0.59 -5.48
CA ALA B 392 13.60 1.55 -5.48
C ALA B 392 13.37 2.72 -6.42
N MSE B 393 12.39 2.60 -7.31
CA MSE B 393 12.07 3.68 -8.24
C MSE B 393 11.40 4.84 -7.52
O MSE B 393 10.62 4.62 -6.60
CB MSE B 393 11.19 3.16 -9.38
CG MSE B 393 11.78 2.01 -10.17
SE MSE B 393 10.56 1.34 -11.54
CE MSE B 393 10.43 2.95 -12.64
N PRO B 394 11.68 6.07 -7.95
CA PRO B 394 11.08 7.26 -7.34
C PRO B 394 9.55 7.22 -7.35
N GLY B 395 8.94 7.46 -6.19
CA GLY B 395 7.50 7.44 -6.08
C GLY B 395 6.85 8.68 -6.66
N PRO B 396 5.51 8.67 -6.75
CA PRO B 396 4.72 9.77 -7.30
C PRO B 396 5.10 11.13 -6.71
N ASP B 397 5.09 11.24 -5.38
CA ASP B 397 5.41 12.51 -4.71
C ASP B 397 6.75 13.09 -5.17
N GLU B 398 7.77 12.23 -5.26
CA GLU B 398 9.10 12.67 -5.67
C GLU B 398 9.10 13.15 -7.11
N VAL B 399 8.61 12.30 -8.01
CA VAL B 399 8.58 12.61 -9.44
C VAL B 399 7.75 13.86 -9.74
N VAL B 400 6.75 14.12 -8.91
CA VAL B 400 5.84 15.24 -9.15
C VAL B 400 6.47 16.61 -8.90
N ARG B 401 7.62 16.62 -8.22
CA ARG B 401 8.32 17.87 -7.94
C ARG B 401 8.90 18.47 -9.22
N LEU B 402 8.96 17.66 -10.26
CA LEU B 402 9.55 18.06 -11.52
C LEU B 402 8.55 18.78 -12.42
N LEU B 403 7.27 18.70 -12.08
CA LEU B 403 6.20 19.25 -12.92
C LEU B 403 6.40 20.72 -13.28
N PRO B 404 6.70 21.57 -12.27
CA PRO B 404 6.92 22.99 -12.57
C PRO B 404 8.02 23.19 -13.61
N GLY B 405 9.14 22.50 -13.44
CA GLY B 405 10.23 22.57 -14.39
C GLY B 405 9.79 22.26 -15.81
N PHE B 406 8.84 21.33 -15.94
CA PHE B 406 8.30 20.97 -17.24
C PHE B 406 7.46 22.11 -17.83
N ALA B 407 6.83 22.90 -16.95
CA ALA B 407 5.99 24.01 -17.40
C ALA B 407 6.81 25.19 -17.89
N SER B 408 8.05 25.29 -17.41
CA SER B 408 8.95 26.37 -17.81
C SER B 408 9.25 26.33 -19.31
PA TYD C . 6.17 -1.00 17.81
O1A TYD C . 4.80 -0.92 18.45
O2A TYD C . 6.46 -2.07 16.79
O3A TYD C . 7.26 -1.12 18.98
PB TYD C . 7.61 0.10 19.98
O1B TYD C . 8.20 -0.62 21.18
O2B TYD C . 8.59 0.96 19.24
O3B TYD C . 6.28 0.77 20.24
O5' TYD C . 6.50 0.43 17.17
C5' TYD C . 7.55 0.54 16.20
C4' TYD C . 7.12 1.51 15.12
O4' TYD C . 8.29 2.16 14.61
C3' TYD C . 6.46 0.75 13.98
O3' TYD C . 5.23 1.38 13.62
C2' TYD C . 7.43 0.83 12.82
C1' TYD C . 8.35 1.99 13.19
N1 TYD C . 9.73 1.75 12.75
C2 TYD C . 10.09 2.07 11.43
O2 TYD C . 9.23 2.51 10.64
N3 TYD C . 11.35 1.89 10.98
C4 TYD C . 12.30 1.40 11.80
O4 TYD C . 13.46 1.23 11.38
C5 TYD C . 11.95 1.07 13.21
C5M TYD C . 12.98 0.53 14.15
C6 TYD C . 10.64 1.28 13.62
C1 CLJ D . 16.70 2.38 30.67
I1 CLJ D . 1.84 2.51 28.04
N1 CLJ D . 18.30 1.05 31.74
O1 CLJ D . 17.54 3.18 30.43
S1 CLJ D . 14.54 3.35 35.20
C2 CLJ D . 17.05 1.32 31.55
N2 CLJ D . 11.13 -3.79 33.93
O2 CLJ D . 20.12 0.34 30.75
S2 CLJ D . 16.08 4.09 34.29
C3 CLJ D . 16.10 0.69 32.16
O3 CLJ D . 18.34 0.39 29.48
S3 CLJ D . 15.73 5.28 32.74
C4 CLJ D . 14.79 1.33 32.09
O4 CLJ D . 13.06 2.09 30.70
S4 CLJ D . 6.66 -1.35 29.78
C5 CLJ D . 14.35 1.60 30.69
O5 CLJ D . 15.59 -1.07 33.91
C6 CLJ D . 15.34 2.53 30.09
O6 CLJ D . 4.28 3.61 26.05
C7 CLJ D . 18.98 0.59 30.73
O7 CLJ D . 6.76 3.19 25.97
C8 CLJ D . 19.14 0.71 28.36
O8 CLJ D . 7.93 1.46 27.92
C9 CLJ D . 14.37 0.52 29.74
O9 CLJ D . 7.20 0.77 30.72
C10 CLJ D . 14.50 -0.46 29.11
O10 CLJ D . 9.90 -2.83 31.68
C11 CLJ D . 14.82 -1.73 28.64
O11 CLJ D . 6.94 -4.26 30.87
C12 CLJ D . 15.50 -2.53 29.37
O12 CLJ D . 9.94 -3.66 33.76
C13 CLJ D . 15.90 -2.14 30.65
O13 CLJ D . 13.39 -1.07 34.37
C14 CLJ D . 16.11 -1.58 31.64
O14 CLJ D . 15.48 -3.89 33.88
C15 CLJ D . 16.23 -0.69 32.76
O15 CLJ D . 13.22 -4.79 35.57
C16 CLJ D . 14.02 1.83 33.06
C17 CLJ D . 14.27 1.76 34.54
C18 CLJ D . 15.87 6.91 33.30
C19 CLJ D . 3.90 2.20 27.95
C20 CLJ D . 4.73 2.80 26.99
C21 CLJ D . 6.06 2.57 26.94
C22 CLJ D . 6.64 1.75 27.88
C23 CLJ D . 5.88 1.15 28.84
C24 CLJ D . 4.53 1.37 28.91
C25 CLJ D . 6.62 2.88 24.65
C26 CLJ D . 8.97 2.37 28.02
C27 CLJ D . 6.62 0.27 29.82
C28 CLJ D . 3.75 0.69 30.01
C29 CLJ D . 7.73 -1.95 31.00
C30 CLJ D . 9.18 -2.28 30.62
C31 CLJ D . 9.33 -3.77 32.52
C32 CLJ D . 7.92 -3.42 32.86
C33 CLJ D . 7.05 -3.12 31.67
C34 CLJ D . 9.95 -1.09 30.15
C35 CLJ D . 11.96 -2.98 34.75
C36 CLJ D . 12.17 -1.66 34.01
C37 CLJ D . 14.41 -1.79 33.77
C38 CLJ D . 14.51 -3.09 34.52
C39 CLJ D . 13.20 -3.82 34.56
C40 CLJ D . 11.05 -0.66 34.10
PA TYD E . -4.17 -4.45 -18.05
O1A TYD E . -3.23 -3.66 -18.92
O2A TYD E . -3.63 -5.53 -17.14
O3A TYD E . -5.30 -5.14 -18.99
PB TYD E . -5.99 -4.39 -20.23
O1B TYD E . -7.45 -4.36 -19.85
O2B TYD E . -5.36 -3.02 -20.29
O3B TYD E . -5.68 -5.29 -21.39
O5' TYD E . -5.06 -3.46 -17.16
C5' TYD E . -6.13 -3.98 -16.39
C4' TYD E . -6.44 -3.04 -15.24
O4' TYD E . -7.74 -3.31 -14.74
C3' TYD E . -5.46 -3.25 -14.09
O3' TYD E . -4.77 -2.03 -13.81
C2' TYD E . -6.29 -3.69 -12.89
C1' TYD E . -7.72 -3.41 -13.32
N1 TYD E . -8.65 -4.46 -12.87
C2 TYD E . -9.08 -4.47 -11.53
O2 TYD E . -8.66 -3.60 -10.73
N3 TYD E . -9.94 -5.41 -11.08
C4 TYD E . -10.41 -6.35 -11.90
O4 TYD E . -11.20 -7.22 -11.48
C5 TYD E . -9.97 -6.35 -13.32
C5M TYD E . -10.47 -7.40 -14.28
C6 TYD E . -9.09 -5.37 -13.75
C1 CLJ F . -14.66 -7.75 -31.30
I1 CLJ F . -2.98 1.05 -27.80
N1 CLJ F . -14.82 -9.98 -32.18
O1 CLJ F . -15.73 -7.75 -30.79
S1 CLJ F . -13.64 -5.34 -35.71
C2 CLJ F . -14.21 -8.82 -32.15
N2 CLJ F . -6.45 -9.17 -34.59
O2 CLJ F . -15.42 -11.95 -31.28
S2 CLJ F . -15.30 -6.06 -35.00
C3 CLJ F . -13.16 -8.62 -32.93
O3 CLJ F . -14.25 -10.78 -29.95
S3 CLJ F . -15.73 -4.80 -33.60
C4 CLJ F . -12.59 -7.28 -32.91
O4 CLJ F . -11.61 -5.64 -31.37
S4 CLJ F . -4.45 -4.73 -30.01
C5 CLJ F . -12.34 -6.84 -31.52
O5 CLJ F . -11.57 -9.32 -34.70
C6 CLJ F . -13.76 -6.59 -31.05
O6 CLJ F . -5.30 -0.05 -25.86
C7 CLJ F . -14.85 -10.89 -31.23
O7 CLJ F . -7.08 -2.19 -26.13
C8 CLJ F . -14.43 -11.94 -29.17
O8 CLJ F . -7.08 -3.61 -28.13
C9 CLJ F . -11.69 -7.78 -30.63
O9 CLJ F . -6.18 -3.29 -31.16
C10 CLJ F . -11.19 -8.67 -30.07
O10 CLJ F . -6.25 -7.66 -32.21
C11 CLJ F . -10.66 -9.94 -29.68
O11 CLJ F . -2.76 -7.00 -31.29
C12 CLJ F . -10.73 -10.94 -30.49
O12 CLJ F . -5.59 -8.40 -34.28
C13 CLJ F . -11.32 -10.79 -31.73
O13 CLJ F . -9.75 -8.21 -34.85
C14 CLJ F . -11.84 -10.41 -32.67
O14 CLJ F . -10.06 -11.70 -34.83
C15 CLJ F . -12.51 -9.72 -33.72
O15 CLJ F . -7.35 -10.98 -36.18
C16 CLJ F . -12.32 -6.42 -33.88
C17 CLJ F . -12.53 -6.60 -35.34
C18 CLJ F . -16.53 -3.42 -34.31
C19 CLJ F . -4.32 -0.53 -28.01
C20 CLJ F . -5.27 -0.78 -26.98
C21 CLJ F . -6.16 -1.83 -27.05
C22 CLJ F . -6.15 -2.63 -28.12
C23 CLJ F . -5.30 -2.39 -29.16
C24 CLJ F . -4.35 -1.37 -29.14
C25 CLJ F . -7.71 -1.34 -25.26
C26 CLJ F . -6.95 -4.86 -27.49
C27 CLJ F . -5.43 -3.41 -30.24
C28 CLJ F . -3.37 -1.19 -30.29
C29 CLJ F . -4.89 -5.76 -31.38
C30 CLJ F . -5.91 -6.88 -31.12
C31 CLJ F . -5.20 -8.16 -32.96
C32 CLJ F . -4.16 -7.10 -33.24
C33 CLJ F . -3.66 -6.28 -32.10
C34 CLJ F . -7.22 -6.31 -30.66
C35 CLJ F . -7.62 -8.89 -35.35
C36 CLJ F . -8.45 -8.01 -34.48
C37 CLJ F . -10.22 -9.42 -34.44
C38 CLJ F . -9.61 -10.47 -35.32
C39 CLJ F . -8.10 -10.30 -35.22
C40 CLJ F . -8.13 -6.53 -34.63
#